data_4YUZ
#
_entry.id   4YUZ
#
_cell.length_a   43.531
_cell.length_b   99.665
_cell.length_c   134.606
_cell.angle_alpha   90.00
_cell.angle_beta   91.70
_cell.angle_gamma   90.00
#
_symmetry.space_group_name_H-M   'P 1 21 1'
#
loop_
_entity.id
_entity.type
_entity.pdbx_description
1 polymer 'Spermidine synthase, putative'
2 non-polymer "5'-[(S)-(3-AMINOPROPYL)(METHYL)-LAMBDA~4~-SULFANYL]-5'-DEOXYADENOSINE"
3 non-polymer 5-[(4-methylbenzyl)oxy]quinazoline-2,4-diamine
4 water water
#
_entity_poly.entity_id   1
_entity_poly.type   'polypeptide(L)'
_entity_poly.pdbx_seq_one_letter_code
;MAHHHHHHMPGSELISGGWFREENDQWPGQAMSLRVEKVLYDAPTKFQHLTIFESDPKGPWGTVMALDGCIQVTDYDEFV
YHEVLGHTSLCSHPKPERVLIIGGGDGGVLREVLRHGTVEHCDLVDIDGEVMEQSKQHFPQISRSLADPRATVRVGDGLA
FVRQTPDNTYDVVIIDTTDPAGPASKLFGEAFYKDVLRILKPDGICCNQGESIWLDLELIEKMSRFIRETGFASVQYALM
HVPTYPCGSIGTLVCSKKAGVDVTKPLRPVEDMPFAKDLKYYDSEMHKASFALPRFARHINNSE
;
_entity_poly.pdbx_strand_id   A,B,C,D
#
loop_
_chem_comp.id
_chem_comp.type
_chem_comp.name
_chem_comp.formula
4JV non-polymer 5-[(4-methylbenzyl)oxy]quinazoline-2,4-diamine 'C16 H16 N4 O'
S4M non-polymer 5'-[(S)-(3-AMINOPROPYL)(METHYL)-LAMBDA~4~-SULFANYL]-5'-DEOXYADENOSINE 'C14 H24 N6 O3 S'
#
# COMPACT_ATOMS: atom_id res chain seq x y z
N GLY A 18 40.48 0.30 -40.13
CA GLY A 18 40.02 1.23 -39.08
C GLY A 18 38.74 0.67 -38.40
N TRP A 19 38.72 -0.60 -37.97
CA TRP A 19 37.55 -1.16 -37.20
C TRP A 19 38.06 -1.91 -35.97
N PHE A 20 37.41 -1.69 -34.83
CA PHE A 20 37.65 -2.54 -33.66
C PHE A 20 36.70 -3.68 -33.77
N ARG A 21 37.19 -4.90 -33.55
CA ARG A 21 36.34 -6.07 -33.62
C ARG A 21 36.23 -6.84 -32.31
N GLU A 22 35.02 -6.93 -31.79
CA GLU A 22 34.80 -7.66 -30.57
C GLU A 22 34.29 -9.05 -30.87
N GLU A 23 35.04 -10.07 -30.43
CA GLU A 23 34.57 -11.46 -30.55
C GLU A 23 35.28 -12.37 -29.57
N ASN A 24 34.48 -13.00 -28.71
CA ASN A 24 34.96 -13.78 -27.57
C ASN A 24 34.74 -15.26 -27.87
N ASP A 25 35.81 -16.02 -27.62
CA ASP A 25 35.80 -17.50 -27.80
C ASP A 25 34.63 -18.23 -27.21
N GLN A 26 33.97 -17.70 -26.18
CA GLN A 26 32.85 -18.47 -25.62
C GLN A 26 31.53 -18.33 -26.45
N TRP A 27 31.47 -17.35 -27.37
CA TRP A 27 30.28 -17.11 -28.24
C TRP A 27 30.74 -17.23 -29.69
N PRO A 28 30.86 -18.49 -30.20
CA PRO A 28 31.50 -18.63 -31.57
C PRO A 28 30.65 -18.14 -32.75
N GLY A 29 31.33 -17.79 -33.86
CA GLY A 29 30.70 -17.37 -35.07
C GLY A 29 29.88 -16.08 -34.87
N GLN A 30 30.25 -15.24 -33.89
CA GLN A 30 29.50 -13.97 -33.70
C GLN A 30 30.44 -12.81 -33.46
N ALA A 31 30.14 -11.60 -33.98
CA ALA A 31 31.08 -10.50 -33.75
C ALA A 31 30.32 -9.16 -33.80
N MET A 32 30.84 -8.17 -33.10
CA MET A 32 30.37 -6.79 -33.20
C MET A 32 31.56 -5.90 -33.49
N SER A 33 31.41 -4.90 -34.34
CA SER A 33 32.55 -4.07 -34.69
C SER A 33 32.12 -2.61 -34.67
N LEU A 34 33.09 -1.77 -34.31
CA LEU A 34 32.92 -0.31 -34.31
C LEU A 34 34.04 0.30 -35.14
N ARG A 35 33.69 1.29 -35.97
CA ARG A 35 34.71 1.97 -36.78
C ARG A 35 35.58 2.84 -35.84
N VAL A 36 36.90 2.86 -36.06
CA VAL A 36 37.82 3.61 -35.24
C VAL A 36 38.20 4.94 -35.95
N GLU A 37 37.81 6.06 -35.36
CA GLU A 37 38.27 7.35 -35.81
C GLU A 37 39.75 7.60 -35.41
N LYS A 38 40.12 7.33 -34.16
CA LYS A 38 41.51 7.61 -33.69
C LYS A 38 41.81 6.63 -32.57
N VAL A 39 43.04 6.08 -32.53
CA VAL A 39 43.42 5.19 -31.46
C VAL A 39 44.06 6.08 -30.41
N LEU A 40 43.60 5.95 -29.16
CA LEU A 40 44.08 6.77 -28.03
C LEU A 40 45.07 6.03 -27.19
N TYR A 41 44.87 4.72 -27.03
CA TYR A 41 45.73 3.88 -26.22
C TYR A 41 45.51 2.44 -26.61
N ASP A 42 46.58 1.66 -26.66
CA ASP A 42 46.50 0.27 -26.99
C ASP A 42 47.77 -0.46 -26.57
N ALA A 43 47.76 -1.03 -25.38
CA ALA A 43 48.96 -1.65 -24.85
C ALA A 43 48.51 -2.74 -23.87
N PRO A 44 49.34 -3.78 -23.68
CA PRO A 44 49.03 -4.55 -22.49
C PRO A 44 49.41 -3.72 -21.29
N THR A 45 48.94 -4.24 -20.17
CA THR A 45 49.17 -3.67 -18.91
C THR A 45 49.68 -4.87 -18.12
N LYS A 46 50.08 -4.64 -16.88
CA LYS A 46 50.48 -5.74 -16.01
C LYS A 46 49.41 -6.83 -15.89
N PHE A 47 48.14 -6.48 -16.09
CA PHE A 47 47.06 -7.43 -15.85
C PHE A 47 46.14 -7.72 -17.03
N GLN A 48 46.04 -6.87 -18.03
CA GLN A 48 45.05 -7.08 -19.11
C GLN A 48 45.34 -6.17 -20.28
N HIS A 49 44.77 -6.44 -21.45
CA HIS A 49 44.92 -5.54 -22.59
C HIS A 49 43.87 -4.44 -22.54
N LEU A 50 44.37 -3.21 -22.64
CA LEU A 50 43.60 -1.98 -22.53
C LEU A 50 43.62 -1.28 -23.87
N THR A 51 42.43 -1.07 -24.42
CA THR A 51 42.29 -0.35 -25.69
C THR A 51 41.35 0.83 -25.51
N ILE A 52 41.77 2.01 -25.95
CA ILE A 52 40.92 3.20 -25.88
C ILE A 52 40.92 3.89 -27.22
N PHE A 53 39.73 4.08 -27.79
CA PHE A 53 39.61 4.78 -29.07
C PHE A 53 38.47 5.76 -29.17
N GLU A 54 38.68 6.75 -30.05
CA GLU A 54 37.59 7.54 -30.53
C GLU A 54 36.83 6.83 -31.66
N SER A 55 35.50 6.75 -31.53
CA SER A 55 34.73 5.93 -32.46
C SER A 55 34.32 6.92 -33.51
N ASP A 56 33.67 6.44 -34.56
CA ASP A 56 33.14 7.32 -35.65
C ASP A 56 32.31 8.50 -35.20
N PRO A 57 32.68 9.75 -35.63
CA PRO A 57 31.84 10.88 -35.15
C PRO A 57 30.43 10.93 -35.75
N LYS A 58 30.17 10.14 -36.79
CA LYS A 58 28.84 10.04 -37.36
C LYS A 58 27.95 9.22 -36.43
N GLY A 59 28.56 8.40 -35.57
CA GLY A 59 27.79 7.55 -34.63
C GLY A 59 27.75 8.14 -33.21
N PRO A 60 26.97 7.51 -32.31
CA PRO A 60 26.74 8.15 -31.02
C PRO A 60 27.75 7.82 -29.93
N TRP A 61 28.61 6.82 -30.14
CA TRP A 61 29.35 6.23 -28.97
C TRP A 61 30.40 7.13 -28.26
N GLY A 62 30.99 8.06 -29.02
CA GLY A 62 32.12 8.86 -28.59
C GLY A 62 33.34 8.00 -28.28
N THR A 63 33.96 8.18 -27.10
CA THR A 63 35.19 7.53 -26.76
C THR A 63 34.80 6.15 -26.15
N VAL A 64 35.62 5.17 -26.48
CA VAL A 64 35.37 3.73 -26.15
C VAL A 64 36.55 3.12 -25.45
N MET A 65 36.31 2.38 -24.37
CA MET A 65 37.32 1.66 -23.68
C MET A 65 36.99 0.16 -23.68
N ALA A 66 37.95 -0.62 -24.09
CA ALA A 66 37.85 -2.10 -24.02
C ALA A 66 38.97 -2.68 -23.21
N LEU A 67 38.70 -3.82 -22.55
CA LEU A 67 39.66 -4.54 -21.74
C LEU A 67 39.66 -5.98 -22.23
N ASP A 68 40.85 -6.49 -22.57
CA ASP A 68 40.94 -7.82 -23.18
C ASP A 68 39.94 -8.05 -24.33
N GLY A 69 39.78 -7.04 -25.17
CA GLY A 69 38.96 -7.09 -26.36
C GLY A 69 37.46 -7.00 -26.09
N CYS A 70 37.06 -6.63 -24.87
CA CYS A 70 35.57 -6.50 -24.56
C CYS A 70 35.28 -5.05 -24.15
N ILE A 71 34.37 -4.43 -24.86
CA ILE A 71 33.97 -3.03 -24.55
C ILE A 71 33.44 -2.96 -23.12
N GLN A 72 33.97 -2.01 -22.34
CA GLN A 72 33.66 -1.84 -20.91
C GLN A 72 32.93 -0.52 -20.70
N VAL A 73 33.29 0.51 -21.48
CA VAL A 73 32.76 1.85 -21.23
C VAL A 73 32.63 2.53 -22.57
N THR A 74 31.54 3.27 -22.80
CA THR A 74 31.53 4.30 -23.88
C THR A 74 30.96 5.60 -23.31
N ASP A 75 31.33 6.75 -23.89
CA ASP A 75 30.74 8.07 -23.42
C ASP A 75 29.20 8.04 -23.45
N TYR A 76 28.63 7.33 -24.43
CA TYR A 76 27.22 7.39 -24.75
C TYR A 76 26.35 6.66 -23.75
N ASP A 77 26.72 5.45 -23.31
CA ASP A 77 25.78 4.75 -22.47
C ASP A 77 26.29 4.37 -21.13
N GLU A 78 27.48 4.88 -20.74
CA GLU A 78 28.06 4.52 -19.43
C GLU A 78 27.12 4.83 -18.28
N PHE A 79 26.34 5.90 -18.42
CA PHE A 79 25.31 6.23 -17.38
C PHE A 79 24.45 5.04 -16.95
N VAL A 80 24.13 4.14 -17.88
CA VAL A 80 23.11 3.09 -17.54
C VAL A 80 23.71 2.15 -16.48
N TYR A 81 24.84 1.49 -16.83
CA TYR A 81 25.45 0.48 -15.93
C TYR A 81 25.89 1.20 -14.63
N HIS A 82 26.42 2.44 -14.73
CA HIS A 82 26.87 3.11 -13.46
C HIS A 82 25.74 3.49 -12.52
N GLU A 83 24.65 3.96 -13.11
CA GLU A 83 23.43 4.34 -12.30
C GLU A 83 22.82 3.10 -11.69
N VAL A 84 22.70 2.04 -12.48
CA VAL A 84 21.97 0.83 -11.98
C VAL A 84 22.74 0.27 -10.79
N LEU A 85 24.06 0.05 -10.97
CA LEU A 85 24.90 -0.52 -9.93
C LEU A 85 24.89 0.36 -8.70
N GLY A 86 25.05 1.67 -8.91
CA GLY A 86 25.26 2.55 -7.78
C GLY A 86 23.98 2.78 -7.04
N HIS A 87 22.87 2.90 -7.77
CA HIS A 87 21.63 3.34 -7.11
C HIS A 87 20.77 2.19 -6.70
N THR A 88 20.75 1.11 -7.49
CA THR A 88 19.99 -0.10 -7.04
C THR A 88 20.51 -0.55 -5.69
N SER A 89 21.81 -0.46 -5.48
CA SER A 89 22.34 -1.01 -4.26
C SER A 89 22.14 -0.01 -3.13
N LEU A 90 22.52 1.26 -3.33
CA LEU A 90 22.40 2.22 -2.22
C LEU A 90 20.97 2.57 -1.82
N CYS A 91 20.07 2.50 -2.79
CA CYS A 91 18.62 2.67 -2.51
C CYS A 91 17.97 1.45 -1.86
N SER A 92 18.70 0.35 -1.84
CA SER A 92 18.17 -0.85 -1.17
C SER A 92 18.71 -0.97 0.28
N HIS A 93 19.49 0.00 0.71
CA HIS A 93 20.15 -0.07 1.99
C HIS A 93 19.53 0.99 2.92
N PRO A 94 19.31 0.70 4.25
CA PRO A 94 18.62 1.73 5.05
C PRO A 94 19.41 3.02 5.30
N LYS A 95 20.73 2.96 5.22
CA LYS A 95 21.59 4.10 5.56
C LYS A 95 23.04 3.79 5.20
N PRO A 96 23.36 3.96 3.91
CA PRO A 96 24.67 3.45 3.52
C PRO A 96 25.74 4.50 3.79
N GLU A 97 26.51 4.31 4.85
CA GLU A 97 27.61 5.23 5.20
C GLU A 97 28.99 4.89 4.67
N ARG A 98 29.35 3.61 4.62
CA ARG A 98 30.68 3.26 4.17
C ARG A 98 30.54 2.27 3.05
N VAL A 99 31.20 2.55 1.95
CA VAL A 99 30.94 1.75 0.74
C VAL A 99 32.25 1.28 0.22
N LEU A 100 32.32 0.01 -0.21
CA LEU A 100 33.46 -0.53 -0.95
C LEU A 100 33.12 -0.74 -2.46
N ILE A 101 33.99 -0.31 -3.36
CA ILE A 101 33.89 -0.70 -4.75
C ILE A 101 35.11 -1.53 -5.08
N ILE A 102 34.90 -2.72 -5.59
CA ILE A 102 35.94 -3.54 -6.14
C ILE A 102 35.87 -3.47 -7.65
N GLY A 103 36.98 -3.06 -8.24
CA GLY A 103 37.06 -2.73 -9.63
C GLY A 103 36.74 -1.25 -9.79
N GLY A 104 36.06 -0.92 -10.89
CA GLY A 104 35.51 0.44 -11.08
C GLY A 104 36.54 1.55 -11.21
N GLY A 105 37.69 1.20 -11.81
CA GLY A 105 38.82 2.10 -11.89
C GLY A 105 38.53 3.28 -12.81
N ASP A 106 37.58 3.14 -13.72
CA ASP A 106 37.04 4.29 -14.51
C ASP A 106 36.35 5.40 -13.72
N GLY A 107 35.81 5.13 -12.53
CA GLY A 107 35.21 6.21 -11.78
C GLY A 107 33.68 6.29 -11.81
N GLY A 108 33.00 5.55 -12.70
CA GLY A 108 31.56 5.75 -12.91
C GLY A 108 30.68 5.34 -11.74
N VAL A 109 30.89 4.13 -11.21
CA VAL A 109 30.11 3.75 -10.02
C VAL A 109 30.34 4.71 -8.90
N LEU A 110 31.61 5.04 -8.69
CA LEU A 110 31.93 5.92 -7.64
C LEU A 110 31.23 7.27 -7.77
N ARG A 111 31.19 7.87 -8.98
CA ARG A 111 30.51 9.13 -9.19
C ARG A 111 29.06 9.00 -8.71
N GLU A 112 28.41 7.84 -9.01
CA GLU A 112 26.99 7.68 -8.61
C GLU A 112 26.83 7.49 -7.09
N VAL A 113 27.67 6.64 -6.54
CA VAL A 113 27.74 6.42 -5.09
C VAL A 113 27.86 7.76 -4.29
N LEU A 114 28.73 8.64 -4.78
CA LEU A 114 28.95 9.97 -4.17
C LEU A 114 27.78 10.95 -4.25
N ARG A 115 26.76 10.68 -5.10
CA ARG A 115 25.59 11.54 -5.12
C ARG A 115 24.88 11.46 -3.78
N HIS A 116 25.07 10.34 -3.07
CA HIS A 116 24.23 10.00 -1.90
C HIS A 116 24.79 10.71 -0.69
N GLY A 117 23.92 11.46 -0.03
CA GLY A 117 24.30 12.31 1.12
C GLY A 117 24.64 11.50 2.33
N THR A 118 24.12 10.27 2.39
CA THR A 118 24.48 9.39 3.51
C THR A 118 25.91 8.90 3.49
N VAL A 119 26.61 8.96 2.34
CA VAL A 119 27.86 8.24 2.19
C VAL A 119 28.92 9.10 2.91
N GLU A 120 29.58 8.51 3.91
CA GLU A 120 30.68 9.28 4.60
C GLU A 120 32.01 8.99 3.90
N HIS A 121 32.19 7.77 3.41
CA HIS A 121 33.47 7.43 2.79
C HIS A 121 33.27 6.24 1.86
N CYS A 122 33.96 6.26 0.76
CA CYS A 122 33.97 5.12 -0.20
C CYS A 122 35.41 4.73 -0.49
N ASP A 123 35.77 3.43 -0.30
CA ASP A 123 37.02 2.90 -0.73
C ASP A 123 36.79 2.33 -2.10
N LEU A 124 37.74 2.49 -2.99
CA LEU A 124 37.66 1.91 -4.32
C LEU A 124 38.99 1.21 -4.52
N VAL A 125 38.95 -0.08 -4.85
CA VAL A 125 40.13 -0.92 -5.05
C VAL A 125 40.07 -1.61 -6.42
N ASP A 126 40.96 -1.16 -7.32
CA ASP A 126 41.06 -1.67 -8.66
C ASP A 126 42.52 -2.16 -8.90
N ILE A 127 42.65 -3.36 -9.45
CA ILE A 127 43.93 -4.05 -9.59
C ILE A 127 44.86 -3.36 -10.56
N ASP A 128 44.27 -2.61 -11.48
CA ASP A 128 44.99 -2.02 -12.54
C ASP A 128 45.07 -0.50 -12.51
N GLY A 129 46.23 0.04 -12.09
CA GLY A 129 46.45 1.49 -12.05
C GLY A 129 46.46 2.17 -13.40
N GLU A 130 46.79 1.40 -14.44
CA GLU A 130 46.80 2.02 -15.77
C GLU A 130 45.35 2.35 -16.24
N VAL A 131 44.39 1.54 -15.83
CA VAL A 131 42.96 1.87 -16.08
C VAL A 131 42.61 3.27 -15.53
N MET A 132 42.96 3.55 -14.25
CA MET A 132 42.61 4.83 -13.64
C MET A 132 43.31 5.94 -14.34
N GLU A 133 44.63 5.78 -14.58
CA GLU A 133 45.43 6.78 -15.27
C GLU A 133 44.79 7.15 -16.61
N GLN A 134 44.53 6.12 -17.42
CA GLN A 134 43.89 6.33 -18.75
C GLN A 134 42.49 6.91 -18.66
N SER A 135 41.74 6.50 -17.66
CA SER A 135 40.42 7.08 -17.45
C SER A 135 40.49 8.58 -17.06
N LYS A 136 41.49 9.03 -16.31
CA LYS A 136 41.56 10.49 -16.00
C LYS A 136 41.89 11.29 -17.27
N GLN A 137 42.71 10.70 -18.12
CA GLN A 137 43.10 11.29 -19.39
C GLN A 137 42.00 11.35 -20.48
N HIS A 138 41.29 10.24 -20.67
CA HIS A 138 40.35 10.14 -21.78
C HIS A 138 38.85 10.13 -21.40
N PHE A 139 38.56 9.87 -20.13
CA PHE A 139 37.15 9.94 -19.66
C PHE A 139 36.96 10.90 -18.45
N PRO A 140 37.32 12.22 -18.60
CA PRO A 140 37.21 13.11 -17.43
C PRO A 140 35.81 13.23 -16.79
N GLN A 141 34.73 13.13 -17.55
CA GLN A 141 33.39 13.19 -17.02
C GLN A 141 32.98 11.88 -16.25
N ILE A 142 33.81 10.85 -16.34
CA ILE A 142 33.60 9.65 -15.53
C ILE A 142 34.56 9.67 -14.32
N SER A 143 35.83 10.04 -14.52
CA SER A 143 36.92 9.73 -13.55
C SER A 143 37.22 10.87 -12.57
N ARG A 144 36.55 12.00 -12.74
CA ARG A 144 36.64 13.17 -11.80
C ARG A 144 36.39 12.71 -10.34
N SER A 145 35.42 11.79 -10.18
CA SER A 145 35.14 11.17 -8.88
C SER A 145 36.33 10.62 -8.10
N LEU A 146 37.34 10.15 -8.82
CA LEU A 146 38.53 9.51 -8.24
C LEU A 146 39.25 10.45 -7.22
N ALA A 147 39.12 11.76 -7.44
CA ALA A 147 39.80 12.86 -6.69
C ALA A 147 38.91 13.31 -5.55
N ASP A 148 37.71 12.73 -5.40
CA ASP A 148 36.85 13.22 -4.32
C ASP A 148 37.44 12.95 -2.91
N PRO A 149 37.37 13.97 -2.03
CA PRO A 149 37.84 13.80 -0.63
C PRO A 149 37.11 12.70 0.12
N ARG A 150 35.89 12.29 -0.28
CA ARG A 150 35.22 11.21 0.46
C ARG A 150 35.68 9.81 -0.06
N ALA A 151 36.48 9.75 -1.11
CA ALA A 151 36.96 8.49 -1.61
C ALA A 151 38.38 8.25 -1.26
N THR A 152 38.74 6.98 -1.08
CA THR A 152 40.17 6.56 -1.11
C THR A 152 40.30 5.54 -2.21
N VAL A 153 41.17 5.81 -3.15
CA VAL A 153 41.41 4.94 -4.29
C VAL A 153 42.71 4.18 -4.07
N ARG A 154 42.62 2.83 -4.03
CA ARG A 154 43.74 1.89 -3.91
C ARG A 154 43.98 1.12 -5.20
N VAL A 155 45.26 0.99 -5.61
CA VAL A 155 45.66 0.05 -6.70
C VAL A 155 45.96 -1.28 -6.09
N GLY A 156 45.22 -2.32 -6.44
CA GLY A 156 45.45 -3.57 -5.73
C GLY A 156 44.36 -4.58 -6.01
N ASP A 157 44.64 -5.83 -5.63
CA ASP A 157 43.78 -6.96 -5.94
C ASP A 157 42.69 -6.95 -4.93
N GLY A 158 41.43 -6.99 -5.39
CA GLY A 158 40.30 -6.96 -4.47
C GLY A 158 40.21 -8.22 -3.66
N LEU A 159 40.69 -9.32 -4.23
CA LEU A 159 40.75 -10.57 -3.46
C LEU A 159 41.62 -10.42 -2.18
N ALA A 160 42.81 -9.84 -2.31
CA ALA A 160 43.65 -9.60 -1.16
C ALA A 160 43.05 -8.57 -0.21
N PHE A 161 42.51 -7.48 -0.77
CA PHE A 161 41.93 -6.44 0.04
C PHE A 161 40.82 -6.94 0.99
N VAL A 162 39.83 -7.67 0.47
CA VAL A 162 38.80 -8.16 1.35
C VAL A 162 39.32 -9.18 2.43
N ARG A 163 40.27 -10.02 2.05
CA ARG A 163 40.89 -10.94 2.97
C ARG A 163 41.46 -10.18 4.15
N GLN A 164 41.97 -8.97 3.91
CA GLN A 164 42.69 -8.22 4.97
C GLN A 164 41.87 -7.06 5.55
N THR A 165 40.52 -7.18 5.45
CA THR A 165 39.61 -6.15 5.88
C THR A 165 38.87 -6.71 7.06
N PRO A 166 38.62 -5.90 8.08
CA PRO A 166 37.95 -6.41 9.29
C PRO A 166 36.47 -6.75 9.06
N ASP A 167 35.96 -7.67 9.87
CA ASP A 167 34.50 -7.94 9.92
C ASP A 167 33.66 -6.66 10.06
N ASN A 168 32.48 -6.63 9.43
CA ASN A 168 31.54 -5.54 9.72
C ASN A 168 32.04 -4.13 9.40
N THR A 169 32.79 -3.99 8.29
CA THR A 169 33.36 -2.70 7.88
C THR A 169 32.42 -1.88 6.95
N TYR A 170 31.75 -2.55 6.01
CA TYR A 170 31.01 -1.84 4.96
C TYR A 170 29.51 -2.10 5.05
N ASP A 171 28.77 -1.10 4.66
CA ASP A 171 27.33 -1.18 4.48
C ASP A 171 27.04 -1.74 3.11
N VAL A 172 27.82 -1.33 2.11
CA VAL A 172 27.53 -1.76 0.74
C VAL A 172 28.85 -2.20 0.09
N VAL A 173 28.90 -3.37 -0.60
CA VAL A 173 30.12 -3.70 -1.42
C VAL A 173 29.61 -3.81 -2.89
N ILE A 174 30.20 -3.07 -3.83
CA ILE A 174 29.80 -3.14 -5.24
C ILE A 174 30.94 -3.77 -6.02
N ILE A 175 30.67 -4.84 -6.75
CA ILE A 175 31.75 -5.59 -7.47
C ILE A 175 31.56 -5.30 -8.97
N ASP A 176 32.32 -4.32 -9.46
CA ASP A 176 32.26 -3.81 -10.81
C ASP A 176 33.47 -4.33 -11.58
N THR A 177 33.53 -5.64 -11.80
CA THR A 177 34.79 -6.17 -12.38
C THR A 177 34.58 -6.77 -13.77
N THR A 178 35.70 -7.00 -14.47
CA THR A 178 35.75 -7.34 -15.91
C THR A 178 34.92 -8.55 -16.35
N ALA A 191 35.99 -18.40 -1.39
CA ALA A 191 36.73 -17.64 -0.38
C ALA A 191 36.40 -16.12 -0.50
N PHE A 192 36.40 -15.63 -1.74
CA PHE A 192 36.13 -14.19 -1.99
C PHE A 192 34.79 -13.73 -1.48
N TYR A 193 33.74 -14.43 -1.91
CA TYR A 193 32.40 -14.11 -1.47
C TYR A 193 32.19 -14.30 0.03
N LYS A 194 32.86 -15.30 0.64
CA LYS A 194 32.79 -15.44 2.12
C LYS A 194 33.38 -14.18 2.79
N ASP A 195 34.51 -13.70 2.26
CA ASP A 195 35.13 -12.46 2.72
C ASP A 195 34.18 -11.25 2.52
N VAL A 196 33.48 -11.16 1.37
CA VAL A 196 32.52 -10.07 1.12
C VAL A 196 31.40 -10.15 2.14
N LEU A 197 30.93 -11.36 2.43
CA LEU A 197 29.83 -11.54 3.38
C LEU A 197 30.31 -11.08 4.78
N ARG A 198 31.53 -11.48 5.14
CA ARG A 198 32.18 -11.24 6.45
C ARG A 198 32.39 -9.70 6.63
N ILE A 199 32.89 -9.01 5.59
CA ILE A 199 33.15 -7.55 5.73
C ILE A 199 31.97 -6.62 5.72
N LEU A 200 30.82 -7.11 5.26
CA LEU A 200 29.60 -6.38 5.33
C LEU A 200 28.98 -6.34 6.74
N LYS A 201 28.50 -5.18 7.19
CA LYS A 201 27.69 -5.08 8.45
C LYS A 201 26.44 -5.93 8.32
N PRO A 202 25.73 -6.23 9.45
CA PRO A 202 24.49 -7.04 9.45
C PRO A 202 23.48 -6.79 8.30
N ASP A 203 23.20 -5.52 8.02
CA ASP A 203 22.23 -5.11 6.99
C ASP A 203 22.90 -4.81 5.66
N GLY A 204 24.14 -5.24 5.47
CA GLY A 204 24.93 -5.09 4.24
C GLY A 204 24.27 -5.60 2.95
N ILE A 205 24.57 -4.89 1.85
CA ILE A 205 24.07 -5.20 0.49
C ILE A 205 25.38 -5.38 -0.32
N CYS A 206 25.47 -6.46 -1.10
CA CYS A 206 26.49 -6.64 -2.08
C CYS A 206 25.80 -6.63 -3.49
N CYS A 207 26.33 -5.85 -4.40
CA CYS A 207 25.83 -5.92 -5.74
C CYS A 207 27.02 -6.27 -6.71
N ASN A 208 26.84 -7.23 -7.61
CA ASN A 208 27.93 -7.62 -8.50
C ASN A 208 27.48 -7.53 -9.95
N GLN A 209 28.36 -7.13 -10.88
CA GLN A 209 28.05 -7.26 -12.31
C GLN A 209 27.68 -8.71 -12.61
N GLY A 210 26.67 -8.95 -13.43
CA GLY A 210 26.07 -10.29 -13.52
C GLY A 210 25.63 -10.90 -14.86
N GLU A 211 26.31 -10.57 -15.94
CA GLU A 211 26.19 -11.36 -17.20
C GLU A 211 24.81 -11.26 -17.97
N SER A 212 24.85 -11.67 -19.24
CA SER A 212 23.70 -11.62 -20.15
C SER A 212 22.73 -12.82 -19.98
N ILE A 213 21.43 -12.57 -19.77
CA ILE A 213 20.44 -13.65 -19.89
C ILE A 213 20.36 -14.33 -21.26
N TRP A 214 20.84 -13.65 -22.34
CA TRP A 214 20.86 -14.22 -23.72
C TRP A 214 22.07 -15.10 -24.00
N LEU A 215 23.24 -14.75 -23.47
CA LEU A 215 24.48 -15.47 -23.84
C LEU A 215 25.12 -16.28 -22.69
N ASP A 216 24.83 -15.93 -21.43
CA ASP A 216 25.38 -16.66 -20.26
C ASP A 216 24.36 -16.98 -19.19
N LEU A 217 23.15 -17.36 -19.56
CA LEU A 217 22.16 -17.60 -18.56
C LEU A 217 22.61 -18.70 -17.52
N GLU A 218 23.31 -19.73 -18.00
CA GLU A 218 23.76 -20.81 -17.06
C GLU A 218 24.78 -20.25 -16.05
N LEU A 219 25.59 -19.29 -16.48
CA LEU A 219 26.56 -18.66 -15.53
C LEU A 219 25.81 -17.86 -14.45
N ILE A 220 24.72 -17.20 -14.84
CA ILE A 220 23.95 -16.43 -13.85
C ILE A 220 23.27 -17.37 -12.81
N GLU A 221 22.65 -18.45 -13.30
CA GLU A 221 22.05 -19.44 -12.39
C GLU A 221 23.11 -19.93 -11.38
N LYS A 222 24.27 -20.38 -11.85
CA LYS A 222 25.36 -20.85 -10.96
C LYS A 222 25.74 -19.81 -9.95
N MET A 223 25.94 -18.57 -10.44
CA MET A 223 26.41 -17.47 -9.53
C MET A 223 25.36 -17.18 -8.50
N SER A 224 24.11 -17.10 -8.93
CA SER A 224 23.05 -16.88 -7.95
C SER A 224 23.04 -17.98 -6.84
N ARG A 225 23.02 -19.24 -7.24
CA ARG A 225 23.08 -20.32 -6.26
C ARG A 225 24.38 -20.24 -5.41
N PHE A 226 25.53 -20.03 -6.05
CA PHE A 226 26.77 -19.97 -5.27
C PHE A 226 26.78 -18.87 -4.20
N ILE A 227 26.30 -17.68 -4.52
CA ILE A 227 26.26 -16.59 -3.54
C ILE A 227 25.28 -16.83 -2.41
N ARG A 228 24.11 -17.40 -2.72
CA ARG A 228 23.13 -17.80 -1.75
C ARG A 228 23.75 -18.81 -0.77
N GLU A 229 24.46 -19.81 -1.29
CA GLU A 229 25.03 -20.85 -0.40
C GLU A 229 26.22 -20.40 0.44
N THR A 230 27.02 -19.48 -0.09
CA THR A 230 27.98 -18.71 0.70
C THR A 230 27.36 -18.14 1.96
N GLY A 231 26.08 -17.86 1.92
CA GLY A 231 25.37 -17.35 3.06
C GLY A 231 24.68 -16.01 2.93
N PHE A 232 24.62 -15.40 1.73
CA PHE A 232 23.67 -14.33 1.62
C PHE A 232 22.25 -14.84 1.75
N ALA A 233 21.36 -14.13 2.44
CA ALA A 233 19.98 -14.59 2.56
C ALA A 233 19.09 -14.46 1.36
N SER A 234 19.29 -13.44 0.53
CA SER A 234 18.53 -13.30 -0.72
C SER A 234 19.45 -12.72 -1.82
N VAL A 235 19.23 -13.19 -3.04
CA VAL A 235 19.98 -12.77 -4.20
C VAL A 235 18.92 -12.58 -5.29
N GLN A 236 18.88 -11.40 -5.90
CA GLN A 236 17.87 -11.06 -6.93
C GLN A 236 18.59 -10.40 -8.10
N TYR A 237 18.19 -10.77 -9.32
CA TYR A 237 18.91 -10.30 -10.53
C TYR A 237 18.10 -9.09 -11.11
N ALA A 238 18.78 -7.97 -11.36
CA ALA A 238 18.12 -6.75 -11.89
C ALA A 238 18.60 -6.57 -13.32
N LEU A 239 17.69 -6.44 -14.31
CA LEU A 239 18.14 -6.42 -15.69
C LEU A 239 18.21 -4.96 -16.16
N MET A 240 19.11 -4.61 -17.07
CA MET A 240 19.12 -3.25 -17.58
C MET A 240 19.45 -3.28 -19.08
N HIS A 241 19.08 -2.20 -19.76
CA HIS A 241 19.28 -2.08 -21.19
C HIS A 241 20.52 -1.31 -21.45
N VAL A 242 21.52 -1.94 -22.06
CA VAL A 242 22.83 -1.42 -22.30
C VAL A 242 23.12 -1.65 -23.77
N PRO A 243 22.93 -0.58 -24.58
CA PRO A 243 22.89 -0.75 -26.01
C PRO A 243 24.23 -1.10 -26.63
N THR A 244 25.36 -0.94 -25.93
CA THR A 244 26.58 -1.35 -26.60
C THR A 244 27.06 -2.71 -26.10
N TYR A 245 26.31 -3.34 -25.22
CA TYR A 245 26.66 -4.67 -24.76
C TYR A 245 26.07 -5.75 -25.71
N PRO A 246 26.81 -6.87 -25.89
CA PRO A 246 26.29 -7.93 -26.76
C PRO A 246 24.81 -8.30 -26.40
N CYS A 247 23.91 -8.18 -27.37
CA CYS A 247 22.45 -8.45 -27.24
C CYS A 247 21.74 -7.46 -26.36
N GLY A 248 22.43 -6.40 -26.00
CA GLY A 248 21.76 -5.19 -25.54
C GLY A 248 21.37 -5.14 -24.10
N SER A 249 21.75 -6.17 -23.36
CA SER A 249 21.46 -6.15 -21.92
C SER A 249 22.47 -6.90 -21.05
N ILE A 250 22.40 -6.60 -19.76
CA ILE A 250 23.25 -7.14 -18.74
C ILE A 250 22.41 -7.02 -17.49
N GLY A 251 22.86 -7.58 -16.38
CA GLY A 251 22.08 -7.48 -15.15
C GLY A 251 23.08 -7.39 -13.98
N THR A 252 22.61 -7.11 -12.78
CA THR A 252 23.45 -7.25 -11.63
C THR A 252 22.73 -8.06 -10.60
N LEU A 253 23.49 -8.81 -9.80
CA LEU A 253 22.92 -9.61 -8.72
C LEU A 253 22.89 -8.76 -7.46
N VAL A 254 21.71 -8.53 -6.91
CA VAL A 254 21.61 -7.69 -5.72
C VAL A 254 21.39 -8.65 -4.55
N CYS A 255 22.28 -8.58 -3.56
CA CYS A 255 22.40 -9.63 -2.54
C CYS A 255 22.28 -9.07 -1.16
N SER A 256 21.42 -9.65 -0.35
CA SER A 256 21.23 -9.15 0.97
C SER A 256 21.67 -10.18 1.99
N LYS A 257 22.40 -9.70 2.98
CA LYS A 257 22.89 -10.52 4.11
C LYS A 257 21.70 -10.82 5.03
N LYS A 258 20.83 -9.86 5.29
CA LYS A 258 19.70 -10.09 6.18
C LYS A 258 18.53 -10.62 5.38
N ALA A 259 17.84 -11.66 5.89
CA ALA A 259 16.63 -12.21 5.21
C ALA A 259 15.35 -11.39 5.40
N GLY A 260 14.33 -11.71 4.62
CA GLY A 260 13.16 -10.87 4.51
C GLY A 260 13.36 -9.64 3.62
N VAL A 261 14.62 -9.21 3.43
CA VAL A 261 14.94 -8.03 2.59
C VAL A 261 14.51 -8.22 1.11
N ASP A 262 13.28 -7.83 0.79
CA ASP A 262 12.82 -7.64 -0.59
C ASP A 262 13.52 -6.46 -1.37
N VAL A 263 14.76 -6.68 -1.83
CA VAL A 263 15.48 -5.66 -2.62
C VAL A 263 14.70 -5.10 -3.80
N THR A 264 13.69 -5.86 -4.28
CA THR A 264 13.08 -5.49 -5.58
C THR A 264 12.20 -4.23 -5.47
N LYS A 265 11.86 -3.79 -4.25
CA LYS A 265 11.21 -2.45 -3.97
C LYS A 265 12.18 -1.52 -3.13
N PRO A 266 12.40 -0.24 -3.56
CA PRO A 266 13.42 0.63 -2.88
C PRO A 266 13.13 1.04 -1.45
N LEU A 267 14.11 0.87 -0.57
CA LEU A 267 14.01 1.32 0.84
C LEU A 267 14.29 2.80 1.03
N ARG A 268 15.07 3.38 0.12
CA ARG A 268 15.30 4.80 0.18
C ARG A 268 15.08 5.33 -1.23
N PRO A 269 13.82 5.57 -1.61
CA PRO A 269 13.51 5.95 -3.00
C PRO A 269 14.23 7.18 -3.39
N VAL A 270 14.85 7.11 -4.55
CA VAL A 270 15.67 8.20 -5.04
C VAL A 270 14.93 9.51 -5.22
N GLU A 271 13.61 9.40 -5.46
CA GLU A 271 12.77 10.59 -5.69
C GLU A 271 12.75 11.52 -4.47
N ASP A 272 12.96 10.96 -3.28
CA ASP A 272 13.07 11.80 -2.08
C ASP A 272 14.47 12.45 -1.89
N MET A 273 15.40 12.27 -2.85
CA MET A 273 16.74 12.78 -2.77
C MET A 273 16.91 13.91 -3.74
N PRO A 274 17.82 14.85 -3.45
CA PRO A 274 17.80 16.04 -4.28
C PRO A 274 18.44 15.86 -5.66
N PHE A 275 19.16 14.77 -5.90
CA PHE A 275 19.79 14.58 -7.22
C PHE A 275 18.94 13.68 -8.19
N ALA A 276 17.70 13.35 -7.84
CA ALA A 276 16.89 12.36 -8.61
C ALA A 276 16.76 12.75 -10.08
N LYS A 277 16.54 14.04 -10.34
CA LYS A 277 16.34 14.45 -11.72
C LYS A 277 17.59 14.62 -12.49
N ASP A 278 18.73 14.60 -11.83
CA ASP A 278 20.01 14.55 -12.52
C ASP A 278 20.24 13.23 -13.25
N LEU A 279 19.61 12.14 -12.79
CA LEU A 279 19.83 10.83 -13.41
C LEU A 279 19.20 10.68 -14.80
N LYS A 280 19.85 9.91 -15.66
CA LYS A 280 19.43 9.73 -17.00
C LYS A 280 18.74 8.39 -17.27
N TYR A 281 18.83 7.46 -16.34
CA TYR A 281 18.25 6.12 -16.52
C TYR A 281 17.45 5.71 -15.33
N TYR A 282 18.13 5.60 -14.16
CA TYR A 282 17.53 5.10 -12.94
C TYR A 282 16.45 6.00 -12.25
N ASP A 283 15.32 5.40 -11.88
CA ASP A 283 14.39 5.97 -10.89
C ASP A 283 13.70 4.77 -10.25
N SER A 284 12.70 5.02 -9.40
CA SER A 284 12.10 3.93 -8.66
C SER A 284 11.24 3.02 -9.49
N GLU A 285 10.63 3.58 -10.52
CA GLU A 285 9.84 2.70 -11.47
C GLU A 285 10.75 1.73 -12.20
N MET A 286 11.92 2.26 -12.67
CA MET A 286 12.95 1.40 -13.29
C MET A 286 13.54 0.39 -12.30
N HIS A 287 13.82 0.80 -11.05
CA HIS A 287 14.22 -0.19 -9.99
C HIS A 287 13.24 -1.36 -9.95
N LYS A 288 11.99 -1.08 -9.64
CA LYS A 288 10.98 -2.17 -9.61
C LYS A 288 10.93 -3.02 -10.89
N ALA A 289 10.81 -2.34 -12.00
CA ALA A 289 10.79 -3.01 -13.30
C ALA A 289 11.98 -3.93 -13.61
N SER A 290 13.19 -3.60 -13.11
CA SER A 290 14.38 -4.19 -13.56
C SER A 290 14.41 -5.63 -12.95
N PHE A 291 13.61 -5.89 -11.91
CA PHE A 291 13.59 -7.26 -11.31
C PHE A 291 12.49 -8.13 -11.97
N ALA A 292 11.74 -7.56 -12.93
CA ALA A 292 10.77 -8.46 -13.66
C ALA A 292 11.52 -9.14 -14.84
N LEU A 293 11.62 -10.45 -14.82
CA LEU A 293 12.46 -11.18 -15.78
C LEU A 293 11.56 -11.90 -16.83
N PRO A 294 11.96 -11.96 -18.11
CA PRO A 294 11.23 -12.81 -19.06
C PRO A 294 10.98 -14.22 -18.41
N ARG A 295 9.88 -14.89 -18.72
CA ARG A 295 9.66 -16.26 -18.23
C ARG A 295 10.83 -17.25 -18.40
N PHE A 296 11.58 -17.22 -19.50
CA PHE A 296 12.65 -18.18 -19.66
C PHE A 296 13.82 -17.95 -18.62
N ALA A 297 13.92 -16.77 -18.00
CA ALA A 297 15.01 -16.44 -17.07
C ALA A 297 14.46 -16.32 -15.65
N ARG A 298 13.16 -16.45 -15.46
CA ARG A 298 12.62 -16.03 -14.16
C ARG A 298 13.01 -16.91 -13.01
N HIS A 299 13.47 -18.14 -13.32
CA HIS A 299 13.88 -19.11 -12.27
C HIS A 299 15.13 -18.55 -11.53
N ILE A 300 15.84 -17.60 -12.16
CA ILE A 300 16.90 -16.81 -11.45
C ILE A 300 16.29 -16.11 -10.22
N ASN A 301 15.08 -15.57 -10.30
CA ASN A 301 14.56 -14.77 -9.14
C ASN A 301 13.45 -15.41 -8.36
N ASN A 302 12.81 -16.44 -8.91
CA ASN A 302 11.45 -16.86 -8.49
C ASN A 302 10.47 -15.70 -8.38
N GLU B 13 23.79 -13.91 -52.59
CA GLU B 13 25.08 -14.62 -52.77
C GLU B 13 25.98 -14.65 -51.53
N LEU B 14 25.32 -14.72 -50.39
CA LEU B 14 25.89 -15.30 -49.19
C LEU B 14 26.34 -16.71 -49.49
N ILE B 15 27.43 -17.13 -48.84
CA ILE B 15 27.95 -18.50 -48.98
C ILE B 15 28.11 -19.15 -47.62
N SER B 16 27.87 -20.46 -47.56
CA SER B 16 28.12 -21.23 -46.37
C SER B 16 29.56 -21.11 -45.96
N GLY B 17 29.79 -20.88 -44.66
CA GLY B 17 31.12 -20.58 -44.13
C GLY B 17 31.48 -19.11 -44.20
N GLY B 18 30.79 -18.37 -45.01
CA GLY B 18 31.03 -16.91 -45.05
C GLY B 18 30.31 -16.35 -43.81
N TRP B 19 30.39 -15.04 -43.69
CA TRP B 19 29.80 -14.27 -42.56
C TRP B 19 28.76 -13.32 -43.08
N PHE B 20 27.62 -13.26 -42.40
CA PHE B 20 26.58 -12.33 -42.81
C PHE B 20 26.86 -11.01 -42.07
N ARG B 21 26.91 -9.88 -42.75
CA ARG B 21 27.24 -8.63 -42.07
C ARG B 21 26.07 -7.63 -42.11
N GLU B 22 25.74 -6.98 -40.99
CA GLU B 22 24.69 -5.97 -40.96
C GLU B 22 25.35 -4.68 -40.53
N GLU B 23 25.17 -3.62 -41.32
CA GLU B 23 25.52 -2.27 -40.86
C GLU B 23 24.28 -1.35 -40.81
N PRO B 28 25.53 3.94 -38.22
CA PRO B 28 26.78 4.42 -38.86
C PRO B 28 27.98 4.06 -37.98
N GLY B 29 29.00 3.43 -38.56
CA GLY B 29 30.19 2.97 -37.84
C GLY B 29 30.00 1.86 -36.83
N GLN B 30 28.97 1.06 -36.97
CA GLN B 30 28.82 -0.17 -36.18
C GLN B 30 28.42 -1.33 -37.15
N ALA B 31 28.97 -2.53 -36.99
CA ALA B 31 28.45 -3.70 -37.76
C ALA B 31 28.34 -4.90 -36.85
N MET B 32 27.39 -5.78 -37.15
CA MET B 32 27.25 -7.09 -36.46
C MET B 32 27.44 -8.17 -37.50
N SER B 33 28.02 -9.28 -37.11
CA SER B 33 28.45 -10.30 -38.09
C SER B 33 28.06 -11.62 -37.52
N LEU B 34 27.46 -12.48 -38.33
CA LEU B 34 27.11 -13.79 -37.84
C LEU B 34 27.59 -14.83 -38.88
N ARG B 35 28.26 -15.89 -38.44
CA ARG B 35 28.90 -16.81 -39.43
C ARG B 35 27.76 -17.70 -39.91
N VAL B 36 27.78 -17.98 -41.20
CA VAL B 36 26.75 -18.75 -41.86
C VAL B 36 27.12 -20.26 -41.99
N GLU B 37 26.22 -21.14 -41.64
CA GLU B 37 26.45 -22.56 -41.82
C GLU B 37 25.84 -23.06 -43.16
N LYS B 38 24.59 -22.73 -43.42
CA LYS B 38 23.88 -23.15 -44.66
C LYS B 38 22.93 -22.07 -45.19
N VAL B 39 23.11 -21.69 -46.45
CA VAL B 39 22.21 -20.66 -47.03
C VAL B 39 20.94 -21.35 -47.53
N LEU B 40 19.78 -20.86 -47.09
CA LEU B 40 18.47 -21.43 -47.48
C LEU B 40 17.76 -20.65 -48.59
N TYR B 41 18.00 -19.35 -48.63
CA TYR B 41 17.32 -18.50 -49.60
C TYR B 41 18.08 -17.23 -49.60
N ASP B 42 18.35 -16.70 -50.77
CA ASP B 42 18.90 -15.42 -50.86
C ASP B 42 18.61 -14.80 -52.24
N ALA B 43 17.59 -13.94 -52.32
CA ALA B 43 17.15 -13.37 -53.62
C ALA B 43 16.28 -12.13 -53.38
N PRO B 44 16.23 -11.19 -54.36
CA PRO B 44 15.21 -10.14 -54.26
C PRO B 44 13.82 -10.72 -54.50
N THR B 45 12.86 -10.16 -53.78
CA THR B 45 11.44 -10.50 -53.91
C THR B 45 10.82 -9.38 -54.80
N LYS B 46 9.53 -9.41 -55.08
CA LYS B 46 8.89 -8.22 -55.68
C LYS B 46 9.17 -6.96 -54.88
N PHE B 47 9.26 -7.08 -53.56
CA PHE B 47 9.27 -5.92 -52.69
C PHE B 47 10.55 -5.65 -51.91
N GLN B 48 11.40 -6.65 -51.67
CA GLN B 48 12.54 -6.42 -50.79
C GLN B 48 13.50 -7.58 -50.94
N HIS B 49 14.73 -7.42 -50.46
CA HIS B 49 15.67 -8.55 -50.51
C HIS B 49 15.42 -9.52 -49.33
N LEU B 50 15.34 -10.83 -49.62
CA LEU B 50 15.02 -11.80 -48.59
C LEU B 50 16.16 -12.76 -48.49
N THR B 51 16.67 -12.93 -47.27
CA THR B 51 17.85 -13.81 -46.98
C THR B 51 17.49 -14.72 -45.81
N ILE B 52 17.60 -16.02 -45.98
CA ILE B 52 17.38 -16.97 -44.89
C ILE B 52 18.57 -17.93 -44.80
N PHE B 53 19.13 -18.11 -43.58
CA PHE B 53 20.27 -19.01 -43.40
C PHE B 53 20.27 -19.67 -42.09
N GLU B 54 20.81 -20.88 -42.08
CA GLU B 54 21.14 -21.54 -40.84
C GLU B 54 22.46 -20.96 -40.37
N SER B 55 22.46 -20.39 -39.16
CA SER B 55 23.69 -19.79 -38.58
C SER B 55 24.60 -20.88 -37.95
N ASP B 56 25.83 -20.53 -37.70
CA ASP B 56 26.76 -21.42 -37.00
C ASP B 56 26.07 -22.17 -35.85
N PRO B 57 25.98 -23.51 -35.94
CA PRO B 57 25.39 -24.29 -34.85
C PRO B 57 26.18 -24.21 -33.54
N LYS B 58 27.37 -23.62 -33.51
CA LYS B 58 28.08 -23.46 -32.27
C LYS B 58 27.57 -22.24 -31.50
N GLY B 59 26.78 -21.38 -32.16
CA GLY B 59 26.10 -20.23 -31.52
C GLY B 59 24.61 -20.55 -31.29
N PRO B 60 23.86 -19.67 -30.58
CA PRO B 60 22.44 -19.97 -30.23
C PRO B 60 21.35 -19.64 -31.27
N TRP B 61 21.66 -18.95 -32.37
CA TRP B 61 20.59 -18.25 -33.14
C TRP B 61 19.71 -19.14 -33.97
N GLY B 62 20.25 -20.28 -34.43
CA GLY B 62 19.47 -21.23 -35.31
C GLY B 62 19.30 -20.60 -36.66
N THR B 63 18.14 -20.79 -37.27
CA THR B 63 17.84 -20.20 -38.56
C THR B 63 17.55 -18.71 -38.41
N VAL B 64 17.99 -17.94 -39.40
CA VAL B 64 17.88 -16.48 -39.38
C VAL B 64 17.20 -16.03 -40.67
N MET B 65 16.32 -15.01 -40.57
CA MET B 65 15.74 -14.34 -41.71
C MET B 65 16.05 -12.82 -41.68
N ALA B 66 16.58 -12.32 -42.77
CA ALA B 66 16.86 -10.90 -42.95
C ALA B 66 16.05 -10.35 -44.14
N LEU B 67 15.60 -9.08 -44.02
CA LEU B 67 14.87 -8.38 -45.07
C LEU B 67 15.66 -7.11 -45.37
N ASP B 68 16.05 -6.91 -46.63
CA ASP B 68 17.00 -5.85 -46.97
C ASP B 68 18.16 -5.71 -45.99
N GLY B 69 18.81 -6.83 -45.67
CA GLY B 69 20.10 -6.81 -44.94
C GLY B 69 19.94 -6.77 -43.42
N CYS B 70 18.70 -6.75 -42.93
CA CYS B 70 18.49 -6.58 -41.48
C CYS B 70 17.76 -7.76 -40.89
N ILE B 71 18.34 -8.38 -39.88
CA ILE B 71 17.72 -9.58 -39.26
C ILE B 71 16.35 -9.22 -38.68
N GLN B 72 15.30 -9.93 -39.07
CA GLN B 72 13.92 -9.73 -38.57
C GLN B 72 13.42 -10.86 -37.69
N VAL B 73 13.94 -12.07 -37.92
CA VAL B 73 13.47 -13.27 -37.25
C VAL B 73 14.62 -14.20 -36.98
N THR B 74 14.75 -14.75 -35.75
CA THR B 74 15.67 -15.86 -35.55
C THR B 74 14.92 -16.88 -34.72
N ASP B 75 15.37 -18.13 -34.80
CA ASP B 75 14.74 -19.18 -33.98
C ASP B 75 14.88 -18.81 -32.54
N TYR B 76 16.05 -18.33 -32.18
CA TYR B 76 16.34 -18.21 -30.74
C TYR B 76 15.49 -17.12 -29.99
N ASP B 77 15.28 -15.96 -30.63
CA ASP B 77 14.60 -14.84 -29.90
C ASP B 77 13.22 -14.43 -30.51
N GLU B 78 12.69 -15.13 -31.53
CA GLU B 78 11.46 -14.72 -32.24
C GLU B 78 10.26 -14.52 -31.33
N PHE B 79 10.26 -15.29 -30.23
CA PHE B 79 9.13 -15.26 -29.30
C PHE B 79 8.94 -13.88 -28.61
N VAL B 80 10.01 -13.13 -28.35
CA VAL B 80 9.85 -11.86 -27.62
C VAL B 80 8.89 -10.89 -28.30
N TYR B 81 9.18 -10.51 -29.50
CA TYR B 81 8.41 -9.43 -30.16
C TYR B 81 7.00 -9.98 -30.47
N HIS B 82 6.90 -11.28 -30.75
CA HIS B 82 5.57 -11.82 -31.15
C HIS B 82 4.68 -11.89 -29.95
N GLU B 83 5.21 -12.33 -28.77
CA GLU B 83 4.44 -12.45 -27.57
C GLU B 83 4.06 -11.09 -27.05
N VAL B 84 5.02 -10.19 -27.10
CA VAL B 84 4.70 -8.86 -26.60
C VAL B 84 3.64 -8.19 -27.44
N LEU B 85 3.78 -8.22 -28.78
CA LEU B 85 2.75 -7.59 -29.60
C LEU B 85 1.37 -8.25 -29.42
N GLY B 86 1.34 -9.57 -29.42
CA GLY B 86 0.05 -10.32 -29.42
C GLY B 86 -0.60 -10.24 -28.07
N HIS B 87 0.18 -10.40 -26.96
CA HIS B 87 -0.46 -10.41 -25.64
C HIS B 87 -0.70 -9.03 -24.96
N THR B 88 0.26 -8.09 -25.03
CA THR B 88 0.04 -6.75 -24.46
C THR B 88 -1.22 -6.13 -25.07
N SER B 89 -1.45 -6.33 -26.37
CA SER B 89 -2.72 -5.82 -26.95
C SER B 89 -3.95 -6.63 -26.51
N LEU B 90 -3.91 -7.95 -26.69
CA LEU B 90 -5.17 -8.70 -26.46
C LEU B 90 -5.49 -8.72 -24.98
N CYS B 91 -4.47 -8.66 -24.12
CA CYS B 91 -4.75 -8.64 -22.68
C CYS B 91 -5.20 -7.25 -22.19
N SER B 92 -5.10 -6.26 -23.06
CA SER B 92 -5.65 -4.95 -22.75
C SER B 92 -7.09 -4.75 -23.23
N HIS B 93 -7.66 -5.76 -23.87
CA HIS B 93 -8.98 -5.59 -24.53
C HIS B 93 -9.94 -6.44 -23.75
N PRO B 94 -11.21 -5.97 -23.57
CA PRO B 94 -12.19 -6.78 -22.80
C PRO B 94 -12.66 -8.06 -23.49
N LYS B 95 -12.71 -8.08 -24.82
CA LYS B 95 -13.19 -9.28 -25.51
C LYS B 95 -12.79 -9.27 -26.97
N PRO B 96 -11.50 -9.63 -27.27
CA PRO B 96 -11.02 -9.34 -28.59
C PRO B 96 -11.51 -10.44 -29.59
N GLU B 97 -12.57 -10.15 -30.32
CA GLU B 97 -13.21 -11.20 -31.19
C GLU B 97 -12.65 -11.27 -32.58
N ARG B 98 -12.35 -10.10 -33.12
CA ARG B 98 -11.95 -9.94 -34.47
C ARG B 98 -10.65 -9.14 -34.51
N VAL B 99 -9.60 -9.65 -35.14
CA VAL B 99 -8.27 -9.00 -34.99
C VAL B 99 -7.72 -8.85 -36.40
N LEU B 100 -6.97 -7.76 -36.65
CA LEU B 100 -6.23 -7.53 -37.90
C LEU B 100 -4.75 -7.42 -37.56
N ILE B 101 -3.94 -8.09 -38.36
CA ILE B 101 -2.47 -7.95 -38.32
C ILE B 101 -2.07 -7.45 -39.65
N ILE B 102 -1.32 -6.33 -39.69
CA ILE B 102 -0.85 -5.78 -40.89
C ILE B 102 0.66 -6.12 -40.95
N GLY B 103 1.15 -6.75 -42.03
CA GLY B 103 2.52 -7.23 -42.07
C GLY B 103 2.39 -8.63 -41.45
N GLY B 104 3.38 -9.01 -40.67
CA GLY B 104 3.36 -10.29 -39.93
C GLY B 104 3.41 -11.55 -40.82
N GLY B 105 3.93 -11.40 -42.05
CA GLY B 105 3.95 -12.54 -43.01
C GLY B 105 4.53 -13.83 -42.47
N ASP B 106 5.45 -13.74 -41.47
CA ASP B 106 6.09 -14.94 -40.89
C ASP B 106 5.14 -15.74 -40.03
N GLY B 107 4.05 -15.11 -39.52
CA GLY B 107 3.01 -15.86 -38.73
C GLY B 107 3.16 -15.79 -37.19
N GLY B 108 4.24 -15.15 -36.70
CA GLY B 108 4.48 -15.23 -35.27
C GLY B 108 3.45 -14.52 -34.41
N VAL B 109 3.12 -13.27 -34.75
CA VAL B 109 2.11 -12.53 -34.01
C VAL B 109 0.76 -13.23 -34.14
N LEU B 110 0.50 -13.75 -35.31
CA LEU B 110 -0.74 -14.55 -35.47
C LEU B 110 -0.78 -15.78 -34.54
N ARG B 111 0.36 -16.46 -34.41
CA ARG B 111 0.41 -17.70 -33.55
C ARG B 111 0.00 -17.31 -32.15
N GLU B 112 0.49 -16.14 -31.71
CA GLU B 112 0.16 -15.65 -30.36
C GLU B 112 -1.30 -15.21 -30.19
N VAL B 113 -1.77 -14.40 -31.11
CA VAL B 113 -3.20 -14.02 -31.14
C VAL B 113 -4.15 -15.22 -31.07
N LEU B 114 -3.83 -16.28 -31.84
CA LEU B 114 -4.68 -17.45 -31.89
C LEU B 114 -4.66 -18.27 -30.61
N ARG B 115 -3.68 -18.03 -29.74
CA ARG B 115 -3.75 -18.64 -28.41
C ARG B 115 -4.99 -18.21 -27.62
N HIS B 116 -5.50 -17.01 -27.89
CA HIS B 116 -6.58 -16.46 -27.09
C HIS B 116 -7.91 -17.10 -27.51
N GLY B 117 -8.60 -17.76 -26.59
CA GLY B 117 -9.90 -18.38 -26.95
C GLY B 117 -10.99 -17.42 -27.34
N THR B 118 -10.90 -16.13 -26.93
CA THR B 118 -11.94 -15.17 -27.32
C THR B 118 -11.90 -14.81 -28.81
N VAL B 119 -10.75 -14.98 -29.47
CA VAL B 119 -10.60 -14.62 -30.86
C VAL B 119 -11.40 -15.50 -31.76
N GLU B 120 -12.32 -14.88 -32.51
CA GLU B 120 -13.16 -15.70 -33.44
C GLU B 120 -12.53 -15.77 -34.78
N HIS B 121 -11.90 -14.65 -35.14
CA HIS B 121 -11.28 -14.53 -36.45
C HIS B 121 -10.13 -13.51 -36.47
N CYS B 122 -9.12 -13.80 -37.27
CA CYS B 122 -7.99 -12.86 -37.43
C CYS B 122 -7.64 -12.74 -38.85
N ASP B 123 -7.72 -11.51 -39.39
CA ASP B 123 -7.29 -11.22 -40.75
C ASP B 123 -5.81 -10.85 -40.71
N LEU B 124 -5.01 -11.27 -41.67
CA LEU B 124 -3.58 -10.91 -41.73
C LEU B 124 -3.33 -10.49 -43.17
N VAL B 125 -2.75 -9.32 -43.37
CA VAL B 125 -2.42 -8.88 -44.70
C VAL B 125 -0.94 -8.46 -44.76
N ASP B 126 -0.12 -9.17 -45.53
CA ASP B 126 1.28 -8.82 -45.78
C ASP B 126 1.50 -8.67 -47.29
N ILE B 127 2.25 -7.65 -47.66
CA ILE B 127 2.41 -7.26 -49.02
C ILE B 127 3.27 -8.23 -49.79
N ASP B 128 4.05 -9.04 -49.06
CA ASP B 128 5.10 -9.86 -49.73
C ASP B 128 4.77 -11.34 -49.56
N GLY B 129 4.10 -11.93 -50.55
CA GLY B 129 3.76 -13.35 -50.52
C GLY B 129 4.93 -14.33 -50.40
N GLU B 130 6.10 -13.91 -50.85
CA GLU B 130 7.28 -14.76 -50.70
C GLU B 130 7.77 -14.90 -49.21
N VAL B 131 7.55 -13.88 -48.39
CA VAL B 131 7.92 -13.99 -46.95
C VAL B 131 7.10 -15.09 -46.32
N MET B 132 5.80 -15.19 -46.66
CA MET B 132 4.99 -16.22 -46.02
C MET B 132 5.43 -17.53 -46.58
N GLU B 133 5.70 -17.59 -47.86
CA GLU B 133 6.08 -18.93 -48.45
C GLU B 133 7.40 -19.41 -47.81
N GLN B 134 8.39 -18.53 -47.77
CA GLN B 134 9.67 -18.91 -47.10
C GLN B 134 9.57 -19.22 -45.58
N SER B 135 8.67 -18.52 -44.84
CA SER B 135 8.46 -18.86 -43.42
C SER B 135 7.81 -20.23 -43.30
N LYS B 136 6.89 -20.56 -44.24
CA LYS B 136 6.28 -21.91 -44.20
C LYS B 136 7.36 -22.97 -44.39
N GLN B 137 8.25 -22.70 -45.31
CA GLN B 137 9.32 -23.67 -45.60
C GLN B 137 10.39 -23.76 -44.47
N HIS B 138 10.83 -22.62 -43.93
CA HIS B 138 12.00 -22.67 -43.08
C HIS B 138 11.82 -22.24 -41.64
N PHE B 139 10.61 -21.83 -41.26
CA PHE B 139 10.28 -21.48 -39.89
C PHE B 139 8.95 -22.09 -39.49
N PRO B 140 8.79 -23.43 -39.60
CA PRO B 140 7.47 -24.06 -39.29
C PRO B 140 6.92 -23.79 -37.88
N GLN B 141 7.77 -23.59 -36.86
CA GLN B 141 7.29 -23.29 -35.51
C GLN B 141 6.73 -21.86 -35.38
N ILE B 142 7.09 -21.01 -36.33
CA ILE B 142 6.59 -19.63 -36.41
C ILE B 142 5.34 -19.56 -37.34
N SER B 143 5.39 -20.25 -38.49
CA SER B 143 4.44 -20.03 -39.59
C SER B 143 3.23 -21.00 -39.59
N ARG B 144 3.17 -21.94 -38.66
CA ARG B 144 2.07 -22.96 -38.69
C ARG B 144 0.69 -22.36 -38.43
N SER B 145 0.67 -21.21 -37.75
CA SER B 145 -0.49 -20.38 -37.55
C SER B 145 -1.19 -20.00 -38.85
N LEU B 146 -0.41 -19.86 -39.91
CA LEU B 146 -0.93 -19.29 -41.18
C LEU B 146 -1.95 -20.26 -41.81
N ALA B 147 -1.87 -21.56 -41.50
CA ALA B 147 -2.86 -22.54 -41.95
C ALA B 147 -4.12 -22.62 -41.06
N ASP B 148 -4.19 -21.87 -39.93
CA ASP B 148 -5.37 -21.95 -39.01
C ASP B 148 -6.67 -21.50 -39.68
N PRO B 149 -7.73 -22.30 -39.57
CA PRO B 149 -8.98 -21.82 -40.22
C PRO B 149 -9.58 -20.58 -39.51
N ARG B 150 -9.14 -20.26 -38.30
CA ARG B 150 -9.56 -18.98 -37.67
C ARG B 150 -8.86 -17.77 -38.26
N ALA B 151 -7.87 -18.03 -39.11
CA ALA B 151 -7.09 -16.96 -39.75
C ALA B 151 -7.49 -16.84 -41.21
N THR B 152 -7.61 -15.63 -41.70
CA THR B 152 -7.61 -15.42 -43.15
C THR B 152 -6.33 -14.68 -43.53
N VAL B 153 -5.46 -15.32 -44.27
CA VAL B 153 -4.19 -14.74 -44.63
C VAL B 153 -4.29 -14.27 -46.05
N ARG B 154 -3.97 -12.99 -46.28
CA ARG B 154 -4.02 -12.37 -47.59
C ARG B 154 -2.72 -11.69 -47.97
N VAL B 155 -2.32 -11.82 -49.25
CA VAL B 155 -1.21 -11.04 -49.71
C VAL B 155 -1.79 -9.71 -50.26
N GLY B 156 -1.36 -8.54 -49.76
CA GLY B 156 -1.77 -7.22 -50.32
C GLY B 156 -1.14 -6.11 -49.53
N ASP B 157 -1.29 -4.89 -50.01
CA ASP B 157 -0.82 -3.71 -49.32
C ASP B 157 -1.80 -3.40 -48.16
N GLY B 158 -1.30 -3.22 -46.95
CA GLY B 158 -2.19 -2.90 -45.78
C GLY B 158 -2.76 -1.50 -45.88
N LEU B 159 -2.06 -0.64 -46.59
CA LEU B 159 -2.58 0.73 -46.78
C LEU B 159 -3.96 0.68 -47.44
N ALA B 160 -4.00 -0.07 -48.54
CA ALA B 160 -5.23 -0.25 -49.32
C ALA B 160 -6.24 -1.08 -48.57
N PHE B 161 -5.78 -2.03 -47.76
CA PHE B 161 -6.72 -2.94 -47.11
C PHE B 161 -7.51 -2.16 -46.06
N VAL B 162 -6.84 -1.31 -45.28
CA VAL B 162 -7.57 -0.55 -44.24
C VAL B 162 -8.43 0.56 -44.88
N ARG B 163 -7.96 1.12 -45.99
CA ARG B 163 -8.79 2.11 -46.71
C ARG B 163 -10.14 1.48 -47.12
N GLN B 164 -10.14 0.19 -47.47
CA GLN B 164 -11.32 -0.47 -48.00
C GLN B 164 -12.11 -1.19 -46.96
N THR B 165 -11.64 -1.18 -45.73
CA THR B 165 -12.36 -1.83 -44.58
C THR B 165 -13.45 -0.89 -44.05
N PRO B 166 -14.69 -1.42 -43.82
CA PRO B 166 -15.72 -0.61 -43.17
C PRO B 166 -15.36 -0.14 -41.73
N ASP B 167 -15.94 0.99 -41.34
CA ASP B 167 -15.90 1.51 -39.96
C ASP B 167 -16.25 0.39 -39.03
N ASN B 168 -15.65 0.41 -37.85
CA ASN B 168 -16.04 -0.47 -36.76
C ASN B 168 -15.95 -2.00 -37.02
N THR B 169 -14.86 -2.44 -37.64
CA THR B 169 -14.74 -3.85 -38.03
C THR B 169 -13.93 -4.59 -36.98
N TYR B 170 -12.84 -3.97 -36.49
CA TYR B 170 -11.87 -4.69 -35.61
C TYR B 170 -11.85 -4.29 -34.13
N ASP B 171 -11.69 -5.26 -33.22
CA ASP B 171 -11.41 -5.01 -31.82
C ASP B 171 -9.92 -4.59 -31.65
N VAL B 172 -9.04 -5.12 -32.48
CA VAL B 172 -7.55 -4.98 -32.22
C VAL B 172 -6.91 -4.92 -33.58
N VAL B 173 -5.99 -3.96 -33.75
CA VAL B 173 -5.23 -3.91 -34.98
C VAL B 173 -3.77 -3.94 -34.55
N ILE B 174 -2.95 -4.86 -35.09
CA ILE B 174 -1.51 -4.91 -34.72
C ILE B 174 -0.75 -4.56 -35.98
N ILE B 175 0.27 -3.66 -35.92
CA ILE B 175 0.97 -3.27 -37.16
C ILE B 175 2.38 -3.78 -37.07
N ASP B 176 2.58 -5.00 -37.61
CA ASP B 176 3.88 -5.68 -37.55
C ASP B 176 4.59 -5.52 -38.88
N THR B 177 4.97 -4.27 -39.20
CA THR B 177 5.58 -4.00 -40.49
C THR B 177 7.04 -3.57 -40.27
N THR B 178 7.85 -3.61 -41.34
CA THR B 178 9.28 -3.27 -41.28
C THR B 178 9.56 -1.80 -40.85
N GLY B 189 2.02 7.83 -41.96
CA GLY B 189 1.12 8.80 -42.59
C GLY B 189 -0.20 9.06 -41.86
N GLU B 190 -0.63 10.31 -41.90
CA GLU B 190 -1.88 10.75 -41.28
C GLU B 190 -3.14 10.04 -41.84
N ALA B 191 -3.19 9.80 -43.14
CA ALA B 191 -4.41 9.13 -43.70
C ALA B 191 -4.51 7.67 -43.22
N PHE B 192 -3.38 6.98 -43.17
CA PHE B 192 -3.34 5.58 -42.66
C PHE B 192 -3.84 5.44 -41.21
N TYR B 193 -3.34 6.29 -40.28
CA TYR B 193 -3.71 6.17 -38.89
C TYR B 193 -5.18 6.53 -38.64
N LYS B 194 -5.72 7.42 -39.45
CA LYS B 194 -7.13 7.78 -39.34
C LYS B 194 -7.95 6.59 -39.83
N ASP B 195 -7.46 5.84 -40.82
CA ASP B 195 -8.17 4.60 -41.20
C ASP B 195 -8.11 3.57 -40.08
N VAL B 196 -6.97 3.48 -39.41
CA VAL B 196 -6.85 2.48 -38.30
C VAL B 196 -7.86 2.85 -37.21
N LEU B 197 -7.89 4.16 -36.84
CA LEU B 197 -8.83 4.58 -35.83
C LEU B 197 -10.28 4.28 -36.29
N ARG B 198 -10.63 4.54 -37.55
CA ARG B 198 -12.01 4.40 -38.06
C ARG B 198 -12.48 2.93 -38.13
N ILE B 199 -11.56 2.06 -38.54
CA ILE B 199 -11.87 0.56 -38.59
C ILE B 199 -11.91 -0.16 -37.26
N LEU B 200 -11.41 0.49 -36.20
CA LEU B 200 -11.54 -0.07 -34.90
C LEU B 200 -12.94 0.28 -34.33
N LYS B 201 -13.45 -0.68 -33.55
CA LYS B 201 -14.69 -0.59 -32.78
C LYS B 201 -14.39 0.39 -31.62
N PRO B 202 -15.44 0.81 -30.92
CA PRO B 202 -15.25 1.79 -29.81
C PRO B 202 -14.22 1.42 -28.71
N ASP B 203 -14.17 0.13 -28.29
CA ASP B 203 -13.21 -0.38 -27.34
C ASP B 203 -11.84 -0.72 -27.99
N GLY B 204 -11.61 -0.31 -29.23
CA GLY B 204 -10.50 -0.77 -30.03
C GLY B 204 -9.11 -0.51 -29.43
N ILE B 205 -8.15 -1.41 -29.67
CA ILE B 205 -6.75 -1.19 -29.23
C ILE B 205 -5.89 -1.38 -30.43
N CYS B 206 -4.91 -0.49 -30.63
CA CYS B 206 -4.01 -0.62 -31.75
C CYS B 206 -2.64 -0.77 -31.15
N CYS B 207 -1.86 -1.68 -31.72
CA CYS B 207 -0.47 -1.58 -31.48
C CYS B 207 0.46 -1.58 -32.65
N ASN B 208 1.45 -0.71 -32.54
CA ASN B 208 2.15 -0.33 -33.72
C ASN B 208 3.60 -0.75 -33.76
N GLN B 209 4.17 -0.53 -34.93
CA GLN B 209 5.48 -1.04 -35.34
C GLN B 209 6.47 -0.71 -34.27
N GLY B 210 7.39 -1.62 -34.05
CA GLY B 210 8.50 -1.35 -33.09
C GLY B 210 9.37 -0.16 -33.50
N GLU B 211 9.76 0.68 -32.52
CA GLU B 211 10.76 1.74 -32.70
C GLU B 211 11.70 1.79 -31.42
N SER B 212 12.94 2.22 -31.59
CA SER B 212 14.00 2.17 -30.53
C SER B 212 14.05 3.49 -29.76
N ILE B 213 14.08 3.42 -28.43
CA ILE B 213 14.37 4.59 -27.62
C ILE B 213 15.81 5.07 -27.79
N TRP B 214 16.69 4.24 -28.29
CA TRP B 214 18.08 4.73 -28.52
C TRP B 214 18.23 5.37 -29.93
N LEU B 215 17.61 4.80 -30.95
CA LEU B 215 17.91 5.34 -32.31
C LEU B 215 16.81 6.28 -32.83
N ASP B 216 15.61 6.15 -32.28
CA ASP B 216 14.33 6.67 -32.82
C ASP B 216 13.57 7.53 -31.79
N LEU B 217 14.21 8.08 -30.75
CA LEU B 217 13.41 8.70 -29.68
C LEU B 217 12.52 9.84 -30.17
N GLU B 218 13.09 10.72 -30.99
CA GLU B 218 12.29 11.83 -31.60
C GLU B 218 11.11 11.31 -32.40
N LEU B 219 11.35 10.24 -33.13
CA LEU B 219 10.25 9.63 -33.89
C LEU B 219 9.15 9.07 -33.03
N ILE B 220 9.52 8.34 -31.93
CA ILE B 220 8.52 7.91 -30.96
C ILE B 220 7.77 9.05 -30.32
N GLU B 221 8.49 10.08 -29.84
CA GLU B 221 7.69 11.17 -29.22
C GLU B 221 6.67 11.83 -30.28
N LYS B 222 7.10 12.01 -31.52
CA LYS B 222 6.18 12.58 -32.58
C LYS B 222 4.99 11.66 -32.85
N MET B 223 5.27 10.37 -32.96
CA MET B 223 4.21 9.40 -33.31
C MET B 223 3.22 9.31 -32.21
N SER B 224 3.71 9.30 -30.96
CA SER B 224 2.86 9.31 -29.80
C SER B 224 1.91 10.58 -29.77
N ARG B 225 2.51 11.76 -29.93
CA ARG B 225 1.65 12.99 -30.02
C ARG B 225 0.65 12.89 -31.16
N PHE B 226 1.11 12.48 -32.32
CA PHE B 226 0.28 12.40 -33.55
C PHE B 226 -0.91 11.45 -33.40
N ILE B 227 -0.67 10.30 -32.77
CA ILE B 227 -1.70 9.28 -32.64
C ILE B 227 -2.81 9.73 -31.68
N ARG B 228 -2.45 10.41 -30.60
CA ARG B 228 -3.44 11.07 -29.72
C ARG B 228 -4.23 12.15 -30.43
N GLU B 229 -3.49 12.99 -31.20
CA GLU B 229 -4.13 14.08 -32.00
C GLU B 229 -5.17 13.49 -32.98
N THR B 230 -4.80 12.37 -33.64
CA THR B 230 -5.60 11.61 -34.67
C THR B 230 -6.95 11.29 -34.05
N GLY B 231 -6.98 11.05 -32.74
CA GLY B 231 -8.22 10.82 -31.96
C GLY B 231 -8.18 9.52 -31.08
N PHE B 232 -7.00 8.91 -30.89
CA PHE B 232 -6.89 7.83 -29.86
C PHE B 232 -6.89 8.46 -28.51
N ALA B 233 -7.61 7.85 -27.56
CA ALA B 233 -7.71 8.44 -26.22
C ALA B 233 -6.41 8.36 -25.40
N SER B 234 -5.68 7.24 -25.48
CA SER B 234 -4.38 7.14 -24.76
C SER B 234 -3.34 6.38 -25.62
N VAL B 235 -2.04 6.62 -25.42
CA VAL B 235 -0.97 5.97 -26.19
C VAL B 235 0.11 5.81 -25.12
N GLN B 236 0.57 4.57 -24.92
CA GLN B 236 1.65 4.18 -23.98
C GLN B 236 2.66 3.34 -24.71
N TYR B 237 3.95 3.63 -24.53
CA TYR B 237 4.99 2.82 -25.16
C TYR B 237 5.50 1.70 -24.28
N ALA B 238 5.58 0.52 -24.85
CA ALA B 238 5.99 -0.68 -24.09
C ALA B 238 7.33 -1.14 -24.63
N LEU B 239 8.37 -1.09 -23.78
CA LEU B 239 9.72 -1.44 -24.14
C LEU B 239 9.98 -2.96 -23.93
N MET B 240 10.73 -3.58 -24.83
CA MET B 240 11.03 -5.04 -24.65
C MET B 240 12.46 -5.38 -25.07
N HIS B 241 12.95 -6.49 -24.57
CA HIS B 241 14.34 -6.94 -24.77
C HIS B 241 14.39 -7.87 -25.96
N VAL B 242 14.61 -7.30 -27.13
CA VAL B 242 14.81 -8.10 -28.32
C VAL B 242 16.30 -8.08 -28.66
N PRO B 243 17.03 -9.19 -28.46
CA PRO B 243 18.49 -8.99 -28.62
C PRO B 243 19.00 -8.75 -30.06
N THR B 244 18.25 -9.12 -31.06
CA THR B 244 18.77 -9.02 -32.46
C THR B 244 18.39 -7.69 -33.14
N TYR B 245 17.65 -6.83 -32.43
CA TYR B 245 17.30 -5.51 -32.97
C TYR B 245 18.44 -4.57 -32.61
N PRO B 246 18.72 -3.62 -33.48
CA PRO B 246 19.90 -2.74 -33.21
C PRO B 246 19.78 -2.10 -31.81
N CYS B 247 20.87 -2.04 -31.06
CA CYS B 247 20.88 -1.65 -29.62
C CYS B 247 20.09 -2.56 -28.67
N GLY B 248 19.59 -3.68 -29.16
CA GLY B 248 19.04 -4.76 -28.28
C GLY B 248 17.69 -4.52 -27.58
N SER B 249 16.97 -3.44 -27.96
CA SER B 249 15.52 -3.23 -27.51
C SER B 249 14.63 -2.63 -28.57
N ILE B 250 13.31 -2.75 -28.40
CA ILE B 250 12.43 -2.15 -29.35
C ILE B 250 11.18 -1.94 -28.50
N GLY B 251 10.25 -1.16 -29.00
CA GLY B 251 9.01 -0.99 -28.21
C GLY B 251 7.83 -0.87 -29.13
N THR B 252 6.64 -0.95 -28.56
CA THR B 252 5.45 -0.72 -29.37
C THR B 252 4.55 0.27 -28.69
N LEU B 253 3.93 1.17 -29.46
CA LEU B 253 2.94 2.10 -28.92
C LEU B 253 1.57 1.39 -28.83
N VAL B 254 1.00 1.30 -27.63
CA VAL B 254 -0.23 0.58 -27.38
C VAL B 254 -1.28 1.64 -27.17
N CYS B 255 -2.31 1.65 -28.04
CA CYS B 255 -3.13 2.82 -28.28
C CYS B 255 -4.57 2.44 -28.04
N SER B 256 -5.23 3.21 -27.23
CA SER B 256 -6.62 2.87 -26.87
C SER B 256 -7.59 3.88 -27.51
N LYS B 257 -8.65 3.39 -28.18
CA LYS B 257 -9.60 4.30 -28.85
C LYS B 257 -10.49 4.97 -27.79
N LYS B 258 -10.93 4.17 -26.83
CA LYS B 258 -11.81 4.63 -25.77
C LYS B 258 -11.02 5.27 -24.60
N ALA B 259 -11.62 6.23 -23.90
CA ALA B 259 -10.88 6.98 -22.83
C ALA B 259 -11.11 6.26 -21.51
N GLY B 260 -10.30 6.57 -20.50
CA GLY B 260 -10.36 5.88 -19.23
C GLY B 260 -9.74 4.48 -19.20
N VAL B 261 -9.01 4.10 -20.24
CA VAL B 261 -8.46 2.76 -20.31
C VAL B 261 -6.96 2.86 -19.89
N ASP B 262 -6.53 2.04 -18.92
CA ASP B 262 -5.14 2.05 -18.55
C ASP B 262 -4.50 0.78 -19.13
N VAL B 263 -3.83 0.90 -20.29
CA VAL B 263 -3.25 -0.34 -20.92
C VAL B 263 -2.01 -0.90 -20.12
N THR B 264 -1.51 -0.11 -19.15
CA THR B 264 -0.26 -0.47 -18.53
C THR B 264 -0.45 -1.54 -17.45
N LYS B 265 -1.69 -1.82 -17.05
CA LYS B 265 -1.95 -2.91 -16.15
C LYS B 265 -2.92 -3.83 -16.91
N PRO B 266 -2.63 -5.15 -16.98
CA PRO B 266 -3.42 -5.98 -17.86
C PRO B 266 -4.93 -6.04 -17.45
N LEU B 267 -5.83 -5.80 -18.39
CA LEU B 267 -7.29 -5.91 -18.13
C LEU B 267 -7.68 -7.40 -17.92
N ARG B 268 -7.12 -8.29 -18.73
CA ARG B 268 -7.36 -9.74 -18.74
C ARG B 268 -6.04 -10.46 -18.58
N PRO B 269 -5.60 -10.66 -17.32
CA PRO B 269 -4.27 -11.20 -16.99
C PRO B 269 -4.07 -12.55 -17.68
N VAL B 270 -2.91 -12.80 -18.27
CA VAL B 270 -2.74 -13.99 -19.05
C VAL B 270 -2.67 -15.21 -18.08
N GLU B 271 -2.34 -14.97 -16.82
CA GLU B 271 -2.20 -16.04 -15.80
C GLU B 271 -3.53 -16.76 -15.61
N ASP B 272 -4.63 -16.11 -15.97
CA ASP B 272 -5.99 -16.76 -15.90
C ASP B 272 -6.35 -17.59 -17.13
N MET B 273 -5.44 -17.73 -18.08
CA MET B 273 -5.77 -18.37 -19.32
C MET B 273 -4.96 -19.64 -19.39
N PRO B 274 -5.46 -20.64 -20.10
CA PRO B 274 -4.81 -22.01 -19.96
C PRO B 274 -3.41 -22.09 -20.60
N PHE B 275 -3.07 -21.17 -21.51
CA PHE B 275 -1.73 -21.16 -22.17
C PHE B 275 -0.56 -20.41 -21.51
N ALA B 276 -0.76 -19.76 -20.35
CA ALA B 276 0.29 -18.82 -19.78
C ALA B 276 1.66 -19.44 -19.66
N LYS B 277 1.68 -20.73 -19.18
CA LYS B 277 2.92 -21.43 -18.98
C LYS B 277 3.64 -21.77 -20.28
N ASP B 278 2.95 -21.78 -21.42
CA ASP B 278 3.64 -21.99 -22.66
C ASP B 278 4.47 -20.80 -23.16
N LEU B 279 4.31 -19.61 -22.59
CA LEU B 279 4.97 -18.38 -23.15
C LEU B 279 6.40 -18.34 -22.60
N LYS B 280 7.32 -17.89 -23.45
CA LYS B 280 8.68 -17.83 -23.12
C LYS B 280 9.17 -16.44 -22.63
N TYR B 281 8.39 -15.39 -22.81
CA TYR B 281 8.87 -14.03 -22.42
C TYR B 281 7.79 -13.36 -21.54
N TYR B 282 6.60 -13.21 -22.11
CA TYR B 282 5.50 -12.41 -21.56
C TYR B 282 4.84 -13.01 -20.35
N ASP B 283 4.58 -12.18 -19.36
CA ASP B 283 3.58 -12.50 -18.30
C ASP B 283 3.09 -11.19 -17.75
N SER B 284 2.20 -11.22 -16.74
CA SER B 284 1.71 -9.95 -16.18
C SER B 284 2.78 -9.01 -15.58
N GLU B 285 3.72 -9.57 -14.90
CA GLU B 285 4.85 -8.78 -14.36
C GLU B 285 5.65 -8.12 -15.48
N MET B 286 5.94 -8.85 -16.57
CA MET B 286 6.62 -8.17 -17.71
C MET B 286 5.76 -7.14 -18.41
N HIS B 287 4.45 -7.41 -18.50
CA HIS B 287 3.51 -6.43 -19.09
C HIS B 287 3.69 -5.06 -18.29
N LYS B 288 3.54 -5.09 -16.96
CA LYS B 288 3.51 -3.83 -16.18
C LYS B 288 4.91 -3.24 -16.29
N ALA B 289 5.89 -4.11 -16.28
CA ALA B 289 7.32 -3.61 -16.33
C ALA B 289 7.67 -2.91 -17.62
N SER B 290 7.00 -3.30 -18.72
CA SER B 290 7.45 -2.86 -20.02
C SER B 290 7.13 -1.36 -20.19
N PHE B 291 6.18 -0.81 -19.40
CA PHE B 291 5.79 0.60 -19.57
C PHE B 291 6.69 1.52 -18.68
N ALA B 292 7.57 0.92 -17.88
CA ALA B 292 8.58 1.74 -17.10
C ALA B 292 9.74 2.08 -18.04
N LEU B 293 10.00 3.38 -18.33
CA LEU B 293 11.11 3.71 -19.25
C LEU B 293 12.30 4.37 -18.54
N PRO B 294 13.50 4.30 -19.14
CA PRO B 294 14.64 5.00 -18.58
C PRO B 294 14.25 6.48 -18.48
N ARG B 295 14.78 7.18 -17.51
CA ARG B 295 14.38 8.55 -17.27
C ARG B 295 14.48 9.43 -18.54
N PHE B 296 15.55 9.32 -19.33
CA PHE B 296 15.73 10.16 -20.56
C PHE B 296 14.54 9.95 -21.57
N ALA B 297 13.80 8.85 -21.47
CA ALA B 297 12.65 8.57 -22.41
C ALA B 297 11.33 8.66 -21.73
N ARG B 298 11.31 8.88 -20.43
CA ARG B 298 10.05 8.66 -19.68
C ARG B 298 8.91 9.63 -20.06
N HIS B 299 9.25 10.82 -20.60
CA HIS B 299 8.27 11.78 -21.01
C HIS B 299 7.37 11.18 -22.09
N ILE B 300 7.85 10.15 -22.80
CA ILE B 300 6.95 9.46 -23.81
C ILE B 300 5.67 9.02 -23.10
N ASN B 301 5.80 8.46 -21.90
CA ASN B 301 4.67 7.85 -21.22
C ASN B 301 4.04 8.69 -20.11
N ASN B 302 4.92 9.50 -19.48
CA ASN B 302 4.74 10.10 -18.14
C ASN B 302 4.66 9.23 -16.86
N ILE C 15 -39.10 -4.41 10.38
CA ILE C 15 -39.10 -5.87 10.02
C ILE C 15 -39.11 -6.02 8.49
N SER C 16 -38.12 -6.76 7.99
CA SER C 16 -37.86 -6.88 6.56
C SER C 16 -36.87 -8.00 6.26
N GLY C 17 -37.35 -9.13 5.76
CA GLY C 17 -36.52 -10.30 5.47
C GLY C 17 -35.80 -10.83 6.71
N GLY C 18 -36.49 -10.74 7.86
CA GLY C 18 -35.92 -11.09 9.15
C GLY C 18 -34.84 -10.14 9.70
N TRP C 19 -34.82 -8.88 9.24
CA TRP C 19 -33.81 -7.91 9.71
C TRP C 19 -34.49 -6.61 10.14
N PHE C 20 -33.97 -5.95 11.18
CA PHE C 20 -34.46 -4.61 11.57
C PHE C 20 -33.41 -3.58 11.19
N ARG C 21 -33.84 -2.51 10.54
CA ARG C 21 -32.95 -1.47 10.03
C ARG C 21 -33.16 -0.07 10.62
N GLU C 22 -32.06 0.55 11.05
CA GLU C 22 -32.10 1.85 11.64
C GLU C 22 -31.38 2.81 10.70
N GLU C 23 -32.04 3.92 10.36
CA GLU C 23 -31.38 5.05 9.66
C GLU C 23 -32.26 6.30 9.70
N ASN C 24 -31.65 7.49 9.82
CA ASN C 24 -32.37 8.77 9.70
C ASN C 24 -31.69 9.74 8.74
N ASP C 25 -32.43 10.76 8.31
CA ASP C 25 -31.99 11.70 7.27
C ASP C 25 -31.33 12.94 7.85
N PRO C 28 -27.60 10.41 6.37
CA PRO C 28 -27.91 9.89 5.05
C PRO C 28 -26.80 9.00 4.56
N GLY C 29 -27.18 7.87 3.96
CA GLY C 29 -26.23 7.01 3.30
C GLY C 29 -25.51 6.11 4.27
N GLN C 30 -26.13 5.92 5.47
CA GLN C 30 -25.57 5.16 6.62
C GLN C 30 -26.69 4.37 7.27
N ALA C 31 -26.45 3.11 7.61
CA ALA C 31 -27.46 2.28 8.30
C ALA C 31 -26.73 1.33 9.20
N MET C 32 -27.43 0.87 10.24
CA MET C 32 -27.09 -0.41 10.89
C MET C 32 -28.32 -1.32 10.96
N SER C 33 -28.09 -2.62 11.17
CA SER C 33 -29.17 -3.58 11.06
C SER C 33 -28.94 -4.73 11.98
N LEU C 34 -30.03 -5.20 12.60
CA LEU C 34 -30.04 -6.40 13.44
C LEU C 34 -31.02 -7.46 12.92
N ARG C 35 -30.60 -8.72 12.94
CA ARG C 35 -31.47 -9.82 12.51
C ARG C 35 -32.59 -10.03 13.56
N VAL C 36 -33.81 -10.21 13.09
CA VAL C 36 -35.02 -10.29 13.94
C VAL C 36 -35.47 -11.76 14.11
N GLU C 37 -35.13 -12.39 15.22
CA GLU C 37 -35.42 -13.81 15.48
C GLU C 37 -36.88 -14.09 15.79
N LYS C 38 -37.61 -13.06 16.22
CA LYS C 38 -39.02 -13.15 16.54
C LYS C 38 -39.56 -11.78 16.91
N VAL C 39 -40.62 -11.35 16.26
CA VAL C 39 -41.22 -10.06 16.57
C VAL C 39 -42.06 -10.26 17.82
N LEU C 40 -41.90 -9.38 18.80
CA LEU C 40 -42.71 -9.45 20.01
C LEU C 40 -43.77 -8.37 20.03
N TYR C 41 -43.56 -7.27 19.29
CA TYR C 41 -44.49 -6.13 19.30
C TYR C 41 -44.11 -5.14 18.23
N ASP C 42 -45.07 -4.70 17.43
CA ASP C 42 -44.69 -3.74 16.39
C ASP C 42 -45.85 -2.90 15.91
N ALA C 43 -46.11 -1.84 16.65
CA ALA C 43 -47.35 -1.09 16.48
C ALA C 43 -47.17 0.36 16.88
N PRO C 44 -47.92 1.25 16.22
CA PRO C 44 -47.93 2.56 16.84
C PRO C 44 -48.64 2.49 18.14
N THR C 45 -48.52 3.59 18.86
CA THR C 45 -49.03 3.76 20.18
C THR C 45 -49.65 5.15 19.93
N LYS C 46 -50.42 5.72 20.85
CA LYS C 46 -50.89 7.16 20.76
C LYS C 46 -49.85 8.21 20.45
N PHE C 47 -48.57 7.88 20.69
CA PHE C 47 -47.55 8.90 20.79
C PHE C 47 -46.35 8.58 19.92
N GLN C 48 -46.10 7.33 19.62
CA GLN C 48 -44.89 7.03 18.83
C GLN C 48 -44.96 5.60 18.39
N HIS C 49 -44.04 5.20 17.51
CA HIS C 49 -44.01 3.82 17.08
C HIS C 49 -43.15 3.00 18.03
N LEU C 50 -43.69 1.86 18.46
CA LEU C 50 -42.98 0.96 19.38
C LEU C 50 -42.68 -0.37 18.70
N THR C 51 -41.41 -0.74 18.66
CA THR C 51 -41.05 -2.03 18.21
C THR C 51 -40.26 -2.77 19.24
N ILE C 52 -40.54 -4.07 19.40
CA ILE C 52 -39.79 -4.95 20.35
C ILE C 52 -39.55 -6.31 19.72
N PHE C 53 -38.31 -6.78 19.70
CA PHE C 53 -38.03 -8.07 19.10
C PHE C 53 -36.99 -8.86 19.81
N GLU C 54 -37.06 -10.18 19.62
CA GLU C 54 -36.01 -11.00 20.11
C GLU C 54 -35.05 -10.97 18.97
N SER C 55 -33.76 -10.75 19.27
CA SER C 55 -32.79 -10.62 18.19
C SER C 55 -32.15 -11.98 18.08
N ASP C 56 -31.19 -12.11 17.16
CA ASP C 56 -30.52 -13.36 16.83
C ASP C 56 -29.86 -14.07 18.01
N PRO C 57 -30.36 -15.27 18.33
CA PRO C 57 -29.81 -16.07 19.42
C PRO C 57 -28.29 -16.19 19.39
N LYS C 58 -27.65 -16.18 18.22
CA LYS C 58 -26.20 -16.26 18.21
C LYS C 58 -25.59 -14.90 18.57
N GLY C 59 -26.41 -13.84 18.58
CA GLY C 59 -25.93 -12.50 18.99
C GLY C 59 -25.99 -12.31 20.52
N PRO C 60 -25.40 -11.20 21.02
CA PRO C 60 -25.42 -10.98 22.48
C PRO C 60 -26.57 -10.09 22.94
N TRP C 61 -27.31 -9.49 21.99
CA TRP C 61 -28.19 -8.34 22.29
C TRP C 61 -29.46 -8.70 23.05
N GLY C 62 -30.00 -9.91 22.86
CA GLY C 62 -31.26 -10.33 23.51
C GLY C 62 -32.48 -9.62 22.98
N THR C 63 -33.40 -9.22 23.87
CA THR C 63 -34.57 -8.45 23.43
C THR C 63 -34.17 -7.01 23.22
N VAL C 64 -34.76 -6.38 22.22
CA VAL C 64 -34.34 -5.08 21.76
C VAL C 64 -35.63 -4.34 21.64
N MET C 65 -35.64 -3.08 22.12
CA MET C 65 -36.76 -2.15 21.96
C MET C 65 -36.40 -0.88 21.19
N ALA C 66 -37.23 -0.52 20.22
CA ALA C 66 -37.09 0.70 19.41
C ALA C 66 -38.25 1.60 19.48
N LEU C 67 -37.97 2.90 19.43
CA LEU C 67 -39.02 3.88 19.43
C LEU C 67 -38.80 4.82 18.27
N ASP C 68 -39.88 5.01 17.49
CA ASP C 68 -39.83 5.71 16.17
C ASP C 68 -38.61 5.29 15.34
N GLY C 69 -38.36 3.98 15.36
CA GLY C 69 -37.29 3.36 14.62
C GLY C 69 -35.87 3.59 15.11
N CYS C 70 -35.70 3.95 16.38
CA CYS C 70 -34.34 4.14 16.95
C CYS C 70 -34.21 3.18 18.16
N ILE C 71 -33.25 2.27 18.15
CA ILE C 71 -33.08 1.41 19.31
C ILE C 71 -32.90 2.27 20.59
N GLN C 72 -33.56 1.86 21.67
CA GLN C 72 -33.59 2.59 22.95
C GLN C 72 -33.01 1.75 24.07
N VAL C 73 -33.27 0.43 24.02
CA VAL C 73 -32.91 -0.49 25.07
C VAL C 73 -32.61 -1.90 24.48
N THR C 74 -31.55 -2.55 24.94
CA THR C 74 -31.37 -3.98 24.64
C THR C 74 -31.04 -4.59 25.98
N ASP C 75 -31.29 -5.92 26.11
CA ASP C 75 -30.90 -6.66 27.34
C ASP C 75 -29.41 -6.54 27.57
N TYR C 76 -28.62 -6.60 26.51
CA TYR C 76 -27.17 -6.68 26.66
C TYR C 76 -26.51 -5.43 27.21
N ASP C 77 -26.89 -4.28 26.71
CA ASP C 77 -26.23 -2.99 27.13
C ASP C 77 -27.09 -1.96 27.88
N GLU C 78 -28.31 -2.27 28.31
CA GLU C 78 -29.12 -1.25 28.94
C GLU C 78 -28.49 -0.74 30.25
N PHE C 79 -27.75 -1.60 30.95
CA PHE C 79 -27.01 -1.18 32.15
C PHE C 79 -26.17 0.10 32.00
N VAL C 80 -25.61 0.33 30.80
CA VAL C 80 -24.68 1.48 30.61
C VAL C 80 -25.42 2.81 30.81
N TYR C 81 -26.45 3.02 30.01
CA TYR C 81 -27.11 4.31 29.92
C TYR C 81 -27.88 4.54 31.25
N HIS C 82 -28.47 3.48 31.77
CA HIS C 82 -29.21 3.63 33.05
C HIS C 82 -28.30 3.94 34.27
N GLU C 83 -27.18 3.24 34.35
CA GLU C 83 -26.20 3.50 35.44
C GLU C 83 -25.63 4.88 35.30
N VAL C 84 -25.31 5.25 34.06
CA VAL C 84 -24.63 6.53 33.93
C VAL C 84 -25.61 7.67 34.34
N LEU C 85 -26.82 7.67 33.79
CA LEU C 85 -27.78 8.73 34.14
C LEU C 85 -28.09 8.71 35.64
N GLY C 86 -28.32 7.52 36.20
CA GLY C 86 -28.79 7.42 37.62
C GLY C 86 -27.71 7.84 38.60
N HIS C 87 -26.50 7.35 38.38
CA HIS C 87 -25.45 7.50 39.42
C HIS C 87 -24.64 8.77 39.19
N THR C 88 -24.36 9.08 37.93
CA THR C 88 -23.61 10.35 37.67
C THR C 88 -24.40 11.50 38.35
N SER C 89 -25.75 11.47 38.29
CA SER C 89 -26.55 12.61 38.83
C SER C 89 -26.60 12.45 40.33
N LEU C 90 -27.00 11.28 40.84
CA LEU C 90 -27.25 11.17 42.35
C LEU C 90 -25.91 11.26 43.11
N CYS C 91 -24.80 10.91 42.45
CA CYS C 91 -23.50 10.95 43.16
C CYS C 91 -22.92 12.36 43.07
N SER C 92 -23.55 13.22 42.28
CA SER C 92 -23.17 14.68 42.27
C SER C 92 -23.96 15.55 43.24
N HIS C 93 -24.88 14.91 43.94
CA HIS C 93 -25.79 15.64 44.87
C HIS C 93 -25.46 15.33 46.38
N PRO C 94 -25.52 16.32 47.31
CA PRO C 94 -25.04 16.00 48.72
C PRO C 94 -25.98 15.13 49.52
N LYS C 95 -27.26 15.07 49.09
CA LYS C 95 -28.18 14.26 49.76
C LYS C 95 -29.48 14.18 48.96
N PRO C 96 -29.54 13.31 47.93
CA PRO C 96 -30.73 13.35 47.11
C PRO C 96 -31.90 12.57 47.71
N GLU C 97 -32.90 13.28 48.24
CA GLU C 97 -34.02 12.64 48.90
C GLU C 97 -35.22 12.54 48.00
N ARG C 98 -35.43 13.56 47.17
CA ARG C 98 -36.61 13.56 46.30
C ARG C 98 -36.20 13.69 44.84
N VAL C 99 -36.62 12.72 44.03
CA VAL C 99 -36.15 12.59 42.62
C VAL C 99 -37.32 12.55 41.67
N LEU C 100 -37.20 13.29 40.54
CA LEU C 100 -38.19 13.28 39.45
C LEU C 100 -37.52 12.68 38.20
N ILE C 101 -38.18 11.69 37.57
CA ILE C 101 -37.75 11.15 36.24
C ILE C 101 -38.86 11.49 35.26
N ILE C 102 -38.49 12.23 34.20
CA ILE C 102 -39.37 12.47 33.06
C ILE C 102 -39.01 11.53 31.98
N GLY C 103 -40.00 10.85 31.42
CA GLY C 103 -39.68 9.78 30.46
C GLY C 103 -39.40 8.55 31.29
N GLY C 104 -38.55 7.68 30.80
CA GLY C 104 -38.05 6.53 31.66
C GLY C 104 -39.09 5.44 31.97
N GLY C 105 -40.09 5.36 31.11
CA GLY C 105 -41.17 4.42 31.26
C GLY C 105 -40.71 2.97 31.26
N ASP C 106 -39.50 2.65 30.76
CA ASP C 106 -39.05 1.26 30.79
C ASP C 106 -38.61 0.88 32.23
N GLY C 107 -38.36 1.87 33.08
CA GLY C 107 -37.95 1.61 34.45
C GLY C 107 -36.45 1.54 34.78
N GLY C 108 -35.59 1.64 33.77
CA GLY C 108 -34.13 1.48 34.02
C GLY C 108 -33.47 2.51 34.89
N VAL C 109 -33.69 3.79 34.59
CA VAL C 109 -33.18 4.86 35.41
C VAL C 109 -33.72 4.79 36.81
N LEU C 110 -35.01 4.52 36.94
CA LEU C 110 -35.64 4.35 38.29
C LEU C 110 -34.98 3.26 39.14
N ARG C 111 -34.80 2.07 38.56
CA ARG C 111 -34.02 1.03 39.19
C ARG C 111 -32.71 1.50 39.80
N GLU C 112 -31.95 2.26 39.04
CA GLU C 112 -30.63 2.65 39.52
C GLU C 112 -30.80 3.73 40.63
N VAL C 113 -31.77 4.61 40.46
CA VAL C 113 -32.09 5.68 41.48
C VAL C 113 -32.48 5.00 42.86
N LEU C 114 -33.25 3.95 42.77
CA LEU C 114 -33.74 3.27 44.02
C LEU C 114 -32.69 2.49 44.75
N ARG C 115 -31.55 2.26 44.08
CA ARG C 115 -30.39 1.72 44.78
C ARG C 115 -29.91 2.67 45.88
N HIS C 116 -30.03 4.00 45.72
CA HIS C 116 -29.51 4.99 46.65
C HIS C 116 -30.30 5.02 47.96
N GLY C 117 -29.63 4.88 49.10
CA GLY C 117 -30.33 4.84 50.38
C GLY C 117 -30.89 6.17 50.76
N THR C 118 -30.37 7.25 50.21
CA THR C 118 -30.90 8.54 50.58
C THR C 118 -32.29 8.82 49.96
N VAL C 119 -32.71 8.08 48.94
CA VAL C 119 -33.92 8.42 48.21
C VAL C 119 -35.18 8.03 49.00
N GLU C 120 -35.97 9.03 49.39
CA GLU C 120 -37.19 8.81 50.14
C GLU C 120 -38.30 8.58 49.15
N HIS C 121 -38.24 9.26 48.01
CA HIS C 121 -39.33 9.17 47.04
C HIS C 121 -38.89 9.54 45.63
N CYS C 122 -39.33 8.75 44.66
CA CYS C 122 -39.05 9.08 43.24
C CYS C 122 -40.43 9.21 42.55
N ASP C 123 -40.72 10.35 41.92
CA ASP C 123 -41.85 10.43 40.95
C ASP C 123 -41.35 10.12 39.54
N LEU C 124 -42.11 9.36 38.77
CA LEU C 124 -41.76 9.09 37.41
C LEU C 124 -42.99 9.41 36.56
N VAL C 125 -42.79 10.22 35.54
CA VAL C 125 -43.84 10.67 34.67
C VAL C 125 -43.41 10.39 33.19
N ASP C 126 -44.12 9.45 32.53
CA ASP C 126 -43.91 9.10 31.15
C ASP C 126 -45.24 9.24 30.36
N ILE C 127 -45.18 9.91 29.21
CA ILE C 127 -46.38 10.16 28.43
C ILE C 127 -46.98 8.88 27.79
N ASP C 128 -46.20 7.82 27.61
CA ASP C 128 -46.66 6.67 26.87
C ASP C 128 -46.91 5.45 27.74
N GLY C 129 -48.15 5.27 28.17
CA GLY C 129 -48.51 4.14 29.06
C GLY C 129 -48.24 2.82 28.42
N GLU C 130 -48.29 2.73 27.09
CA GLU C 130 -47.98 1.46 26.42
C GLU C 130 -46.49 1.07 26.50
N VAL C 131 -45.60 2.08 26.51
CA VAL C 131 -44.18 1.78 26.81
C VAL C 131 -44.04 1.04 28.14
N MET C 132 -44.73 1.54 29.17
CA MET C 132 -44.57 0.88 30.47
C MET C 132 -45.10 -0.56 30.44
N GLU C 133 -46.22 -0.75 29.75
CA GLU C 133 -46.92 -2.06 29.69
C GLU C 133 -46.04 -3.04 29.03
N GLN C 134 -45.54 -2.65 27.86
CA GLN C 134 -44.65 -3.49 27.12
C GLN C 134 -43.28 -3.73 27.84
N SER C 135 -42.77 -2.77 28.62
CA SER C 135 -41.54 -3.05 29.39
C SER C 135 -41.82 -4.06 30.51
N LYS C 136 -42.98 -3.91 31.15
CA LYS C 136 -43.41 -4.90 32.18
C LYS C 136 -43.52 -6.31 31.62
N GLN C 137 -44.04 -6.41 30.39
CA GLN C 137 -44.14 -7.64 29.60
C GLN C 137 -42.85 -8.23 29.12
N HIS C 138 -41.96 -7.44 28.50
CA HIS C 138 -40.81 -8.04 27.85
C HIS C 138 -39.43 -7.73 28.43
N PHE C 139 -39.40 -6.80 29.39
CA PHE C 139 -38.15 -6.41 30.06
C PHE C 139 -38.24 -6.39 31.58
N PRO C 140 -38.67 -7.53 32.22
CA PRO C 140 -38.98 -7.53 33.67
C PRO C 140 -37.80 -7.16 34.56
N GLN C 141 -36.58 -7.56 34.17
CA GLN C 141 -35.37 -7.22 34.89
C GLN C 141 -35.09 -5.70 34.87
N ILE C 142 -35.77 -4.98 33.97
CA ILE C 142 -35.73 -3.50 33.91
C ILE C 142 -36.91 -2.84 34.63
N SER C 143 -38.11 -3.35 34.37
CA SER C 143 -39.34 -2.64 34.74
C SER C 143 -39.88 -2.99 36.12
N ARG C 144 -39.26 -3.98 36.76
CA ARG C 144 -39.58 -4.37 38.17
C ARG C 144 -39.70 -3.14 39.08
N SER C 145 -38.75 -2.22 38.91
CA SER C 145 -38.63 -0.98 39.75
C SER C 145 -39.92 -0.18 39.77
N LEU C 146 -40.70 -0.25 38.69
CA LEU C 146 -41.97 0.49 38.58
C LEU C 146 -43.00 0.20 39.74
N ALA C 147 -42.91 -0.97 40.34
CA ALA C 147 -43.80 -1.41 41.42
C ALA C 147 -43.24 -1.04 42.78
N ASP C 148 -42.00 -0.52 42.84
CA ASP C 148 -41.45 -0.07 44.14
C ASP C 148 -42.32 0.96 44.93
N PRO C 149 -42.58 0.66 46.21
CA PRO C 149 -43.31 1.53 47.09
C PRO C 149 -42.68 2.91 47.17
N ARG C 150 -41.36 3.04 46.95
CA ARG C 150 -40.81 4.43 47.00
C ARG C 150 -41.06 5.23 45.74
N ALA C 151 -41.64 4.63 44.72
CA ALA C 151 -41.95 5.39 43.46
C ALA C 151 -43.42 5.72 43.28
N THR C 152 -43.75 6.90 42.73
CA THR C 152 -45.07 7.09 42.18
C THR C 152 -44.95 7.19 40.67
N VAL C 153 -45.53 6.20 39.99
CA VAL C 153 -45.45 6.20 38.51
C VAL C 153 -46.70 6.79 37.94
N ARG C 154 -46.59 7.87 37.14
CA ARG C 154 -47.75 8.40 36.43
C ARG C 154 -47.63 8.37 34.88
N VAL C 155 -48.77 8.17 34.22
CA VAL C 155 -48.88 8.34 32.76
C VAL C 155 -49.29 9.80 32.57
N GLY C 156 -48.45 10.59 31.91
CA GLY C 156 -48.76 11.99 31.68
C GLY C 156 -47.63 12.71 30.98
N ASP C 157 -47.92 13.91 30.49
CA ASP C 157 -46.93 14.80 29.86
C ASP C 157 -46.00 15.46 30.89
N GLY C 158 -44.69 15.25 30.74
CA GLY C 158 -43.77 15.83 31.70
C GLY C 158 -43.79 17.35 31.67
N LEU C 159 -44.05 17.96 30.50
CA LEU C 159 -44.13 19.46 30.44
C LEU C 159 -45.28 20.01 31.29
N ALA C 160 -46.47 19.45 31.18
CA ALA C 160 -47.56 19.97 32.07
C ALA C 160 -47.29 19.63 33.57
N PHE C 161 -46.82 18.41 33.84
CA PHE C 161 -46.39 18.06 35.23
C PHE C 161 -45.46 19.10 35.89
N VAL C 162 -44.31 19.39 35.26
CA VAL C 162 -43.37 20.33 35.89
C VAL C 162 -44.03 21.77 36.01
N ARG C 163 -44.91 22.15 35.09
CA ARG C 163 -45.57 23.52 35.11
C ARG C 163 -46.48 23.67 36.33
N GLN C 164 -47.03 22.56 36.81
CA GLN C 164 -47.90 22.52 38.00
C GLN C 164 -47.17 22.00 39.25
N THR C 165 -45.83 22.02 39.22
CA THR C 165 -45.06 21.50 40.35
C THR C 165 -44.57 22.76 41.02
N PRO C 166 -44.64 22.83 42.39
CA PRO C 166 -44.16 24.01 43.10
C PRO C 166 -42.61 24.20 42.99
N ASP C 167 -42.16 25.44 43.19
CA ASP C 167 -40.74 25.77 43.34
C ASP C 167 -40.11 24.87 44.37
N ASN C 168 -38.80 24.58 44.20
CA ASN C 168 -38.03 23.91 45.23
C ASN C 168 -38.64 22.57 45.68
N THR C 169 -38.99 21.71 44.74
CA THR C 169 -39.55 20.43 45.11
C THR C 169 -38.56 19.27 45.11
N TYR C 170 -37.61 19.27 44.15
CA TYR C 170 -36.81 18.07 43.89
C TYR C 170 -35.31 18.31 44.06
N ASP C 171 -34.58 17.29 44.46
CA ASP C 171 -33.11 17.37 44.54
C ASP C 171 -32.49 17.05 43.20
N VAL C 172 -33.16 16.24 42.39
CA VAL C 172 -32.59 15.71 41.15
C VAL C 172 -33.73 15.51 40.20
N VAL C 173 -33.60 16.08 39.00
CA VAL C 173 -34.58 15.79 37.88
C VAL C 173 -33.78 15.12 36.76
N ILE C 174 -34.19 13.91 36.36
CA ILE C 174 -33.52 13.22 35.26
C ILE C 174 -34.50 13.25 34.07
N ILE C 175 -34.02 13.73 32.90
CA ILE C 175 -34.89 13.76 31.72
C ILE C 175 -34.43 12.60 30.82
N ASP C 176 -35.11 11.48 30.91
CA ASP C 176 -34.72 10.30 30.12
C ASP C 176 -35.71 10.15 28.93
N THR C 177 -35.55 10.97 27.90
CA THR C 177 -36.59 11.05 26.82
C THR C 177 -36.15 10.53 25.46
N THR C 178 -37.04 10.63 24.46
CA THR C 178 -36.71 10.33 23.06
C THR C 178 -36.22 11.54 22.26
N ALA C 191 -39.91 27.43 28.10
CA ALA C 191 -40.63 27.28 29.38
C ALA C 191 -40.27 25.97 30.15
N PHE C 192 -40.10 24.89 29.42
CA PHE C 192 -39.84 23.60 30.05
C PHE C 192 -38.57 23.58 30.89
N TYR C 193 -37.43 23.97 30.31
CA TYR C 193 -36.22 24.06 31.09
C TYR C 193 -36.29 25.07 32.24
N LYS C 194 -37.04 26.16 32.03
CA LYS C 194 -37.17 27.16 33.05
C LYS C 194 -37.90 26.52 34.21
N ASP C 195 -38.94 25.75 33.90
CA ASP C 195 -39.65 24.99 34.92
C ASP C 195 -38.79 23.99 35.73
N VAL C 196 -37.98 23.19 35.01
CA VAL C 196 -37.05 22.25 35.65
C VAL C 196 -36.12 23.00 36.59
N LEU C 197 -35.56 24.11 36.14
CA LEU C 197 -34.69 24.90 37.02
C LEU C 197 -35.41 25.37 38.29
N ARG C 198 -36.67 25.83 38.12
CA ARG C 198 -37.52 26.40 39.22
C ARG C 198 -37.93 25.34 40.24
N ILE C 199 -38.28 24.12 39.75
CA ILE C 199 -38.65 22.97 40.64
C ILE C 199 -37.53 22.27 41.41
N LEU C 200 -36.30 22.46 40.96
CA LEU C 200 -35.16 22.05 41.72
C LEU C 200 -34.96 22.89 42.96
N LYS C 201 -34.61 22.26 44.06
CA LYS C 201 -34.12 22.92 45.27
C LYS C 201 -32.73 23.65 44.99
N PRO C 202 -32.19 24.42 45.96
CA PRO C 202 -30.95 25.19 45.56
C PRO C 202 -29.70 24.38 45.20
N ASP C 203 -29.52 23.21 45.82
CA ASP C 203 -28.46 22.29 45.46
C ASP C 203 -28.83 21.28 44.36
N GLY C 204 -29.96 21.43 43.73
CA GLY C 204 -30.38 20.53 42.66
C GLY C 204 -29.46 20.22 41.48
N ILE C 205 -29.68 19.03 40.94
CA ILE C 205 -28.94 18.52 39.79
C ILE C 205 -30.01 18.17 38.72
N CYS C 206 -29.85 18.60 37.50
CA CYS C 206 -30.64 18.05 36.38
C CYS C 206 -29.71 17.17 35.50
N CYS C 207 -30.13 15.96 35.15
CA CYS C 207 -29.44 15.36 34.05
C CYS C 207 -30.35 14.98 32.90
N ASN C 208 -29.84 15.11 31.70
CA ASN C 208 -30.71 14.85 30.55
C ASN C 208 -29.95 13.99 29.53
N GLN C 209 -30.66 13.21 28.73
CA GLN C 209 -30.03 12.41 27.62
C GLN C 209 -29.42 13.39 26.62
N GLY C 210 -28.24 13.14 26.07
CA GLY C 210 -27.50 14.26 25.45
C GLY C 210 -26.91 14.20 24.04
N GLU C 211 -27.10 13.13 23.30
CA GLU C 211 -26.66 13.08 21.85
C GLU C 211 -25.18 12.73 21.60
N SER C 212 -24.89 12.20 20.40
CA SER C 212 -23.56 11.83 19.96
C SER C 212 -22.60 12.99 19.60
N ILE C 213 -21.34 12.94 20.08
CA ILE C 213 -20.29 13.87 19.59
C ILE C 213 -19.87 13.65 18.15
N TRP C 214 -20.12 12.42 17.65
CA TRP C 214 -19.80 12.07 16.25
C TRP C 214 -20.90 12.50 15.24
N LEU C 215 -22.16 12.53 15.69
CA LEU C 215 -23.28 12.70 14.77
C LEU C 215 -24.01 14.02 15.00
N ASP C 216 -24.07 14.51 16.24
CA ASP C 216 -24.76 15.78 16.50
C ASP C 216 -23.98 16.65 17.43
N LEU C 217 -22.68 16.88 17.15
CA LEU C 217 -21.93 17.73 18.05
C LEU C 217 -22.60 19.11 18.12
N GLU C 218 -23.07 19.63 17.00
CA GLU C 218 -23.69 20.97 17.01
C GLU C 218 -24.89 21.05 17.93
N LEU C 219 -25.70 19.99 17.98
CA LEU C 219 -26.87 19.99 18.84
C LEU C 219 -26.45 20.00 20.31
N ILE C 220 -25.40 19.26 20.68
CA ILE C 220 -24.90 19.32 22.09
C ILE C 220 -24.42 20.70 22.50
N GLU C 221 -23.60 21.35 21.68
CA GLU C 221 -23.22 22.74 21.88
C GLU C 221 -24.47 23.69 22.11
N LYS C 222 -25.46 23.62 21.22
CA LYS C 222 -26.66 24.49 21.31
C LYS C 222 -27.37 24.19 22.65
N MET C 223 -27.55 22.90 22.95
CA MET C 223 -28.18 22.52 24.24
C MET C 223 -27.44 22.93 25.48
N SER C 224 -26.10 22.80 25.49
CA SER C 224 -25.37 23.25 26.69
C SER C 224 -25.49 24.79 26.89
N ARG C 225 -25.31 25.56 25.80
CA ARG C 225 -25.52 27.04 25.90
C ARG C 225 -26.97 27.35 26.36
N PHE C 226 -27.97 26.70 25.77
CA PHE C 226 -29.37 26.98 26.15
C PHE C 226 -29.71 26.72 27.64
N ILE C 227 -29.20 25.61 28.18
CA ILE C 227 -29.46 25.27 29.58
C ILE C 227 -28.70 26.21 30.50
N ARG C 228 -27.46 26.54 30.15
CA ARG C 228 -26.76 27.53 30.94
C ARG C 228 -27.54 28.90 30.91
N GLU C 229 -28.04 29.27 29.73
CA GLU C 229 -28.78 30.51 29.51
C GLU C 229 -30.14 30.54 30.27
N THR C 230 -30.79 29.39 30.37
CA THR C 230 -31.98 29.18 31.25
C THR C 230 -31.67 29.56 32.69
N GLY C 231 -30.38 29.50 33.08
CA GLY C 231 -29.92 29.89 34.39
C GLY C 231 -29.33 28.82 35.29
N PHE C 232 -28.98 27.66 34.76
CA PHE C 232 -28.19 26.69 35.54
C PHE C 232 -26.80 27.28 35.64
N ALA C 233 -26.14 27.10 36.75
CA ALA C 233 -24.79 27.67 36.98
C ALA C 233 -23.72 26.95 36.20
N SER C 234 -23.92 25.65 35.92
CA SER C 234 -22.89 24.87 35.22
C SER C 234 -23.58 23.72 34.48
N VAL C 235 -23.02 23.38 33.32
CA VAL C 235 -23.48 22.24 32.52
C VAL C 235 -22.22 21.53 31.99
N GLN C 236 -22.14 20.20 32.15
CA GLN C 236 -20.97 19.40 31.74
C GLN C 236 -21.50 18.14 31.11
N TYR C 237 -20.86 17.74 30.01
CA TYR C 237 -21.28 16.57 29.22
C TYR C 237 -20.38 15.39 29.60
N ALA C 238 -21.01 14.24 29.90
CA ALA C 238 -20.32 13.04 30.30
C ALA C 238 -20.52 12.02 29.15
N LEU C 239 -19.44 11.50 28.59
CA LEU C 239 -19.54 10.60 27.45
C LEU C 239 -19.68 9.16 27.96
N MET C 240 -20.43 8.30 27.27
CA MET C 240 -20.46 6.91 27.69
C MET C 240 -20.37 5.98 26.46
N HIS C 241 -19.93 4.76 26.67
CA HIS C 241 -19.77 3.80 25.58
C HIS C 241 -21.03 2.98 25.50
N VAL C 242 -21.84 3.18 24.47
CA VAL C 242 -23.07 2.36 24.32
C VAL C 242 -22.98 1.66 22.97
N PRO C 243 -22.75 0.34 23.00
CA PRO C 243 -22.29 -0.31 21.81
C PRO C 243 -23.42 -0.51 20.87
N THR C 244 -24.69 -0.23 21.27
CA THR C 244 -25.84 -0.29 20.34
C THR C 244 -26.35 1.05 19.83
N TYR C 245 -25.70 2.17 20.14
CA TYR C 245 -26.15 3.42 19.52
C TYR C 245 -25.25 3.74 18.39
N PRO C 246 -25.74 4.46 17.36
CA PRO C 246 -24.87 4.65 16.21
C PRO C 246 -23.56 5.37 16.63
N CYS C 247 -22.46 4.80 16.20
CA CYS C 247 -21.08 5.32 16.41
C CYS C 247 -20.63 5.06 17.81
N GLY C 248 -21.47 4.36 18.60
CA GLY C 248 -20.96 3.69 19.80
C GLY C 248 -20.87 4.51 21.05
N SER C 249 -21.36 5.75 21.02
CA SER C 249 -21.46 6.55 22.24
C SER C 249 -22.62 7.58 22.22
N ILE C 250 -22.97 8.00 23.42
CA ILE C 250 -23.97 9.03 23.66
C ILE C 250 -23.39 9.71 24.91
N GLY C 251 -24.02 10.76 25.42
CA GLY C 251 -23.52 11.41 26.62
C GLY C 251 -24.76 11.89 27.34
N THR C 252 -24.55 12.49 28.51
CA THR C 252 -25.66 13.13 29.25
C THR C 252 -25.11 14.46 29.71
N LEU C 253 -25.94 15.50 29.71
CA LEU C 253 -25.53 16.80 30.18
C LEU C 253 -25.87 16.81 31.64
N VAL C 254 -24.91 17.11 32.50
CA VAL C 254 -25.13 17.06 33.92
C VAL C 254 -25.06 18.52 34.41
N CYS C 255 -26.17 19.03 35.00
CA CYS C 255 -26.34 20.48 35.15
C CYS C 255 -26.54 20.82 36.62
N SER C 256 -25.87 21.87 37.11
CA SER C 256 -25.99 22.21 38.50
C SER C 256 -26.71 23.57 38.66
N LYS C 257 -27.75 23.60 39.50
CA LYS C 257 -28.41 24.87 39.79
C LYS C 257 -27.50 25.78 40.57
N LYS C 258 -26.80 25.17 41.52
CA LYS C 258 -25.91 25.90 42.42
C LYS C 258 -24.53 26.25 41.80
N ALA C 259 -24.11 27.53 41.94
CA ALA C 259 -22.72 27.97 41.55
C ALA C 259 -21.65 27.24 42.34
N GLY C 260 -20.51 27.00 41.71
CA GLY C 260 -19.33 26.52 42.43
C GLY C 260 -19.37 24.99 42.70
N VAL C 261 -20.27 24.27 42.03
CA VAL C 261 -20.32 22.76 42.12
C VAL C 261 -19.59 22.17 40.87
N ASP C 262 -18.74 21.20 41.12
CA ASP C 262 -18.00 20.49 40.09
C ASP C 262 -18.57 19.11 39.96
N VAL C 263 -19.49 18.92 39.04
CA VAL C 263 -20.06 17.60 38.90
C VAL C 263 -19.07 16.54 38.36
N THR C 264 -17.93 17.01 37.81
CA THR C 264 -17.06 16.10 37.06
C THR C 264 -16.33 15.17 38.00
N LYS C 265 -16.30 15.52 39.26
CA LYS C 265 -15.73 14.67 40.28
C LYS C 265 -16.82 14.31 41.26
N PRO C 266 -16.93 13.00 41.57
CA PRO C 266 -18.12 12.61 42.38
C PRO C 266 -18.10 13.24 43.76
N LEU C 267 -19.27 13.72 44.20
CA LEU C 267 -19.41 14.36 45.48
C LEU C 267 -19.61 13.28 46.56
N ARG C 268 -20.43 12.30 46.26
CA ARG C 268 -20.65 11.14 47.14
C ARG C 268 -20.23 9.87 46.41
N PRO C 269 -18.97 9.42 46.55
CA PRO C 269 -18.43 8.29 45.76
C PRO C 269 -19.27 7.03 46.00
N VAL C 270 -19.58 6.34 44.91
CA VAL C 270 -20.45 5.14 44.97
C VAL C 270 -19.80 4.03 45.79
N GLU C 271 -18.48 4.04 45.87
CA GLU C 271 -17.72 3.06 46.55
C GLU C 271 -18.01 3.05 48.03
N ASP C 272 -18.49 4.16 48.57
CA ASP C 272 -18.84 4.24 49.99
C ASP C 272 -20.26 3.76 50.21
N MET C 273 -20.94 3.18 49.18
CA MET C 273 -22.33 2.77 49.28
C MET C 273 -22.37 1.27 49.10
N PRO C 274 -23.40 0.60 49.63
CA PRO C 274 -23.26 -0.87 49.74
C PRO C 274 -23.56 -1.60 48.43
N PHE C 275 -24.04 -0.91 47.41
CA PHE C 275 -24.39 -1.56 46.15
C PHE C 275 -23.33 -1.37 45.05
N ALA C 276 -22.21 -0.73 45.37
CA ALA C 276 -21.20 -0.36 44.31
C ALA C 276 -20.78 -1.56 43.45
N LYS C 277 -20.62 -2.72 44.11
CA LYS C 277 -20.12 -3.88 43.44
C LYS C 277 -21.19 -4.55 42.56
N ASP C 278 -22.45 -4.26 42.80
CA ASP C 278 -23.54 -4.64 41.93
C ASP C 278 -23.55 -3.96 40.54
N LEU C 279 -22.93 -2.79 40.40
CA LEU C 279 -22.94 -2.11 39.10
C LEU C 279 -22.01 -2.78 38.03
N LYS C 280 -22.43 -2.76 36.78
CA LYS C 280 -21.70 -3.45 35.76
C LYS C 280 -20.89 -2.46 34.89
N TYR C 281 -21.18 -1.16 34.98
CA TYR C 281 -20.40 -0.08 34.19
C TYR C 281 -19.77 0.99 35.11
N TYR C 282 -20.62 1.69 35.89
CA TYR C 282 -20.28 2.91 36.63
C TYR C 282 -19.48 2.63 37.88
N ASP C 283 -18.43 3.42 38.07
CA ASP C 283 -17.76 3.65 39.36
C ASP C 283 -17.16 5.07 39.37
N SER C 284 -16.35 5.40 40.39
CA SER C 284 -15.81 6.77 40.44
C SER C 284 -14.85 7.07 39.37
N GLU C 285 -14.08 6.03 39.00
CA GLU C 285 -13.02 6.20 37.98
C GLU C 285 -13.72 6.41 36.62
N MET C 286 -14.85 5.69 36.35
CA MET C 286 -15.62 5.91 35.12
C MET C 286 -16.27 7.30 35.13
N HIS C 287 -16.73 7.76 36.30
CA HIS C 287 -17.42 9.03 36.46
C HIS C 287 -16.43 10.14 36.09
N LYS C 288 -15.22 10.16 36.71
CA LYS C 288 -14.20 11.17 36.34
C LYS C 288 -13.80 11.11 34.89
N ALA C 289 -13.59 9.88 34.36
CA ALA C 289 -13.17 9.68 32.98
C ALA C 289 -14.23 10.17 31.95
N SER C 290 -15.53 10.05 32.31
CA SER C 290 -16.63 10.34 31.36
C SER C 290 -16.62 11.84 30.93
N PHE C 291 -16.02 12.69 31.72
CA PHE C 291 -16.09 14.13 31.39
C PHE C 291 -14.81 14.55 30.63
N ALA C 292 -13.91 13.60 30.43
CA ALA C 292 -12.73 13.92 29.59
C ALA C 292 -13.10 13.67 28.13
N LEU C 293 -13.11 14.72 27.32
CA LEU C 293 -13.63 14.62 25.93
C LEU C 293 -12.51 14.69 24.92
N PRO C 294 -12.67 14.01 23.80
CA PRO C 294 -11.59 14.16 22.81
C PRO C 294 -11.39 15.71 22.43
N ARG C 295 -10.19 16.11 21.97
CA ARG C 295 -9.95 17.53 21.67
C ARG C 295 -10.98 18.17 20.77
N PHE C 296 -11.44 17.50 19.72
CA PHE C 296 -12.42 18.06 18.75
C PHE C 296 -13.76 18.45 19.44
N ALA C 297 -14.01 17.89 20.62
CA ALA C 297 -15.33 18.07 21.31
C ALA C 297 -15.16 18.81 22.63
N ARG C 298 -13.94 19.13 22.99
CA ARG C 298 -13.72 19.48 24.38
C ARG C 298 -14.26 20.89 24.75
N HIS C 299 -14.58 21.70 23.73
CA HIS C 299 -15.10 23.07 23.99
C HIS C 299 -16.51 22.96 24.63
N ILE C 300 -17.12 21.76 24.53
CA ILE C 300 -18.39 21.50 25.24
C ILE C 300 -18.23 21.75 26.74
N ASN C 301 -17.12 21.33 27.29
CA ASN C 301 -16.93 21.34 28.74
C ASN C 301 -15.99 22.38 29.25
N ASN C 302 -15.23 22.95 28.33
CA ASN C 302 -13.99 23.64 28.67
C ASN C 302 -13.12 22.79 29.59
N GLU D 13 -17.24 -6.61 -8.16
CA GLU D 13 -18.40 -6.57 -7.27
C GLU D 13 -18.80 -5.10 -7.00
N LEU D 14 -18.16 -4.39 -6.09
CA LEU D 14 -18.78 -3.12 -5.63
C LEU D 14 -19.10 -2.14 -6.77
N ILE D 15 -20.31 -1.57 -6.82
CA ILE D 15 -20.52 -0.54 -7.87
C ILE D 15 -20.93 0.80 -7.27
N SER D 16 -20.64 1.85 -8.00
CA SER D 16 -21.06 3.17 -7.57
C SER D 16 -22.59 3.21 -7.46
N GLY D 17 -23.08 3.68 -6.32
CA GLY D 17 -24.51 3.77 -6.05
C GLY D 17 -25.03 2.59 -5.26
N GLY D 18 -24.29 1.50 -5.28
CA GLY D 18 -24.51 0.38 -4.36
C GLY D 18 -24.19 0.74 -2.91
N TRP D 19 -24.47 -0.16 -1.98
CA TRP D 19 -24.13 0.07 -0.57
C TRP D 19 -23.07 -0.95 -0.24
N PHE D 20 -22.04 -0.55 0.50
CA PHE D 20 -21.04 -1.45 1.05
C PHE D 20 -21.60 -2.03 2.37
N ARG D 21 -21.67 -3.35 2.50
CA ARG D 21 -22.18 -4.02 3.72
C ARG D 21 -21.08 -4.69 4.54
N GLU D 22 -21.03 -4.48 5.84
CA GLU D 22 -20.11 -5.26 6.68
C GLU D 22 -20.93 -6.13 7.63
N GLU D 23 -20.61 -7.42 7.64
CA GLU D 23 -21.06 -8.41 8.66
C GLU D 23 -19.83 -9.20 9.07
N ASN D 24 -19.72 -9.57 10.35
CA ASN D 24 -18.61 -10.44 10.83
C ASN D 24 -19.08 -11.75 11.49
N ASP D 25 -18.34 -12.84 11.27
CA ASP D 25 -18.66 -14.17 11.85
C ASP D 25 -18.73 -14.13 13.37
N PRO D 28 -22.27 -11.51 14.25
CA PRO D 28 -23.42 -12.35 13.83
C PRO D 28 -24.73 -11.71 14.23
N GLY D 29 -25.71 -11.83 13.35
CA GLY D 29 -26.98 -11.13 13.50
C GLY D 29 -26.95 -9.61 13.29
N GLN D 30 -25.76 -9.03 13.10
CA GLN D 30 -25.62 -7.55 12.98
C GLN D 30 -24.82 -7.14 11.72
N ALA D 31 -25.08 -5.96 11.19
CA ALA D 31 -24.50 -5.54 9.92
C ALA D 31 -24.50 -4.03 9.92
N MET D 32 -23.51 -3.41 9.28
CA MET D 32 -23.47 -1.95 9.05
C MET D 32 -23.31 -1.69 7.57
N SER D 33 -23.89 -0.62 7.08
CA SER D 33 -23.94 -0.37 5.64
C SER D 33 -23.71 1.10 5.33
N LEU D 34 -22.96 1.35 4.26
CA LEU D 34 -22.62 2.70 3.83
C LEU D 34 -22.83 2.76 2.32
N ARG D 35 -23.55 3.80 1.88
CA ARG D 35 -23.70 4.09 0.43
C ARG D 35 -22.38 4.46 -0.20
N VAL D 36 -22.15 3.95 -1.41
CA VAL D 36 -20.96 4.24 -2.18
C VAL D 36 -21.25 5.35 -3.18
N GLU D 37 -20.48 6.42 -3.14
CA GLU D 37 -20.62 7.37 -4.18
C GLU D 37 -19.81 6.92 -5.39
N LYS D 38 -18.56 6.53 -5.15
CA LYS D 38 -17.64 6.11 -6.27
C LYS D 38 -16.58 5.13 -5.81
N VAL D 39 -16.44 4.02 -6.54
CA VAL D 39 -15.41 3.01 -6.25
C VAL D 39 -14.05 3.45 -6.75
N LEU D 40 -13.04 3.49 -5.85
CA LEU D 40 -11.66 3.86 -6.24
C LEU D 40 -10.79 2.63 -6.42
N TYR D 41 -11.07 1.59 -5.64
CA TYR D 41 -10.29 0.36 -5.68
C TYR D 41 -11.08 -0.79 -5.18
N ASP D 42 -10.99 -1.93 -5.87
CA ASP D 42 -11.63 -3.14 -5.40
C ASP D 42 -11.00 -4.35 -6.08
N ALA D 43 -9.96 -4.92 -5.48
CA ALA D 43 -9.25 -6.07 -6.08
C ALA D 43 -8.51 -6.83 -4.98
N PRO D 44 -8.35 -8.16 -5.14
CA PRO D 44 -7.55 -8.88 -4.14
C PRO D 44 -6.09 -8.45 -4.30
N THR D 45 -5.35 -8.33 -3.20
CA THR D 45 -3.88 -8.12 -3.36
C THR D 45 -3.20 -9.49 -3.19
N LYS D 46 -1.88 -9.47 -2.97
CA LYS D 46 -1.19 -10.71 -2.68
C LYS D 46 -1.71 -11.35 -1.39
N PHE D 47 -2.19 -10.55 -0.43
CA PHE D 47 -2.44 -11.04 0.96
C PHE D 47 -3.85 -10.92 1.48
N GLN D 48 -4.66 -10.10 0.82
CA GLN D 48 -5.96 -9.69 1.35
C GLN D 48 -6.82 -8.93 0.30
N HIS D 49 -8.12 -8.82 0.59
CA HIS D 49 -8.98 -8.06 -0.34
C HIS D 49 -8.97 -6.56 0.02
N LEU D 50 -8.67 -5.70 -0.93
CA LEU D 50 -8.62 -4.28 -0.66
C LEU D 50 -9.72 -3.49 -1.36
N THR D 51 -10.54 -2.78 -0.56
CA THR D 51 -11.65 -2.02 -1.10
C THR D 51 -11.49 -0.54 -0.70
N ILE D 52 -11.42 0.36 -1.66
CA ILE D 52 -11.40 1.78 -1.29
C ILE D 52 -12.53 2.49 -2.01
N PHE D 53 -13.25 3.39 -1.32
CA PHE D 53 -14.31 4.11 -1.98
C PHE D 53 -14.62 5.42 -1.33
N GLU D 54 -15.14 6.34 -2.15
CA GLU D 54 -15.72 7.59 -1.64
C GLU D 54 -17.17 7.26 -1.25
N SER D 55 -17.45 7.44 0.03
CA SER D 55 -18.77 7.26 0.64
C SER D 55 -19.70 8.46 0.23
N ASP D 56 -20.95 8.46 0.68
CA ASP D 56 -21.90 9.51 0.29
C ASP D 56 -21.42 10.91 0.71
N PRO D 57 -21.27 11.86 -0.27
CA PRO D 57 -20.81 13.18 0.18
C PRO D 57 -21.82 13.88 1.10
N LYS D 58 -23.02 13.32 1.29
CA LYS D 58 -23.92 13.93 2.25
C LYS D 58 -23.65 13.42 3.67
N GLY D 59 -22.76 12.44 3.80
CA GLY D 59 -22.43 11.88 5.13
C GLY D 59 -21.07 12.39 5.56
N PRO D 60 -20.61 12.02 6.77
CA PRO D 60 -19.33 12.57 7.24
C PRO D 60 -18.09 11.78 6.82
N TRP D 61 -18.26 10.58 6.27
CA TRP D 61 -17.12 9.59 6.26
C TRP D 61 -15.93 9.82 5.31
N GLY D 62 -16.21 10.48 4.18
CA GLY D 62 -15.21 10.76 3.16
C GLY D 62 -14.79 9.48 2.50
N THR D 63 -13.50 9.38 2.23
CA THR D 63 -13.03 8.21 1.61
C THR D 63 -12.87 7.08 2.62
N VAL D 64 -13.11 5.85 2.18
CA VAL D 64 -13.14 4.71 3.13
C VAL D 64 -12.31 3.56 2.59
N MET D 65 -11.55 2.86 3.47
CA MET D 65 -10.74 1.72 3.09
C MET D 65 -11.11 0.52 3.91
N ALA D 66 -11.32 -0.61 3.24
CA ALA D 66 -11.63 -1.84 3.92
C ALA D 66 -10.63 -2.89 3.47
N LEU D 67 -10.27 -3.78 4.38
CA LEU D 67 -9.40 -4.90 4.08
C LEU D 67 -10.23 -6.16 4.39
N ASP D 68 -10.36 -7.10 3.46
CA ASP D 68 -11.19 -8.28 3.73
C ASP D 68 -12.60 -7.95 4.30
N GLY D 69 -13.25 -6.95 3.67
CA GLY D 69 -14.62 -6.51 4.04
C GLY D 69 -14.81 -5.82 5.40
N CYS D 70 -13.73 -5.51 6.12
CA CYS D 70 -13.87 -4.71 7.35
C CYS D 70 -13.19 -3.33 7.17
N ILE D 71 -13.92 -2.29 7.48
CA ILE D 71 -13.41 -0.89 7.40
C ILE D 71 -12.21 -0.69 8.37
N GLN D 72 -11.13 -0.14 7.85
CA GLN D 72 -9.90 0.02 8.57
C GLN D 72 -9.59 1.50 8.79
N VAL D 73 -9.94 2.30 7.78
CA VAL D 73 -9.61 3.72 7.72
C VAL D 73 -10.76 4.46 7.08
N THR D 74 -11.18 5.58 7.67
CA THR D 74 -12.00 6.60 6.98
C THR D 74 -11.34 7.97 7.23
N ASP D 75 -11.63 8.92 6.35
CA ASP D 75 -11.10 10.26 6.51
C ASP D 75 -11.66 10.86 7.74
N TYR D 76 -12.90 10.54 8.08
CA TYR D 76 -13.56 11.17 9.23
C TYR D 76 -12.92 10.79 10.61
N ASP D 77 -12.63 9.51 10.88
CA ASP D 77 -12.22 9.12 12.22
C ASP D 77 -10.78 8.56 12.38
N GLU D 78 -9.98 8.61 11.31
CA GLU D 78 -8.69 7.93 11.31
C GLU D 78 -7.75 8.45 12.39
N PHE D 79 -7.88 9.77 12.71
CA PHE D 79 -7.04 10.35 13.72
C PHE D 79 -7.16 9.63 15.11
N VAL D 80 -8.29 9.01 15.43
CA VAL D 80 -8.43 8.51 16.79
C VAL D 80 -7.44 7.39 17.06
N TYR D 81 -7.55 6.34 16.25
CA TYR D 81 -6.73 5.16 16.49
C TYR D 81 -5.21 5.47 16.25
N HIS D 82 -4.93 6.32 15.30
CA HIS D 82 -3.49 6.73 15.08
C HIS D 82 -2.89 7.56 16.20
N GLU D 83 -3.65 8.53 16.76
CA GLU D 83 -3.12 9.40 17.81
C GLU D 83 -3.02 8.63 19.08
N VAL D 84 -4.00 7.77 19.34
CA VAL D 84 -3.90 6.94 20.55
C VAL D 84 -2.68 6.02 20.54
N LEU D 85 -2.50 5.22 19.50
CA LEU D 85 -1.34 4.30 19.45
C LEU D 85 -0.01 5.09 19.46
N GLY D 86 0.12 6.16 18.64
CA GLY D 86 1.39 6.92 18.54
C GLY D 86 1.75 7.63 19.84
N HIS D 87 0.80 8.39 20.45
CA HIS D 87 1.08 9.25 21.60
C HIS D 87 0.95 8.52 22.97
N THR D 88 0.02 7.59 23.11
CA THR D 88 -0.05 6.87 24.44
C THR D 88 1.27 6.17 24.71
N SER D 89 1.85 5.58 23.67
CA SER D 89 3.07 4.82 23.78
C SER D 89 4.23 5.78 23.92
N LEU D 90 4.41 6.77 23.00
CA LEU D 90 5.62 7.63 23.06
C LEU D 90 5.57 8.57 24.26
N CYS D 91 4.36 8.97 24.70
CA CYS D 91 4.32 9.78 25.93
C CYS D 91 4.57 9.00 27.20
N SER D 92 4.65 7.67 27.09
CA SER D 92 4.93 6.83 28.24
C SER D 92 6.39 6.46 28.32
N HIS D 93 7.17 6.89 27.35
CA HIS D 93 8.60 6.51 27.29
C HIS D 93 9.51 7.72 27.62
N PRO D 94 10.58 7.51 28.37
CA PRO D 94 11.41 8.74 28.72
C PRO D 94 12.18 9.38 27.56
N LYS D 95 12.47 8.65 26.50
CA LYS D 95 13.25 9.25 25.40
C LYS D 95 13.17 8.36 24.21
N PRO D 96 12.03 8.40 23.50
CA PRO D 96 11.91 7.36 22.47
C PRO D 96 12.64 7.75 21.19
N GLU D 97 13.86 7.19 21.02
CA GLU D 97 14.73 7.51 19.86
C GLU D 97 14.49 6.67 18.62
N ARG D 98 14.29 5.39 18.84
CA ARG D 98 14.25 4.42 17.78
C ARG D 98 12.91 3.70 17.89
N VAL D 99 12.10 3.74 16.83
CA VAL D 99 10.72 3.17 16.93
C VAL D 99 10.51 2.20 15.79
N LEU D 100 9.81 1.10 16.10
CA LEU D 100 9.36 0.12 15.14
C LEU D 100 7.81 0.10 15.07
N ILE D 101 7.26 0.19 13.86
CA ILE D 101 5.78 -0.04 13.65
C ILE D 101 5.70 -1.32 12.77
N ILE D 102 4.95 -2.30 13.24
CA ILE D 102 4.63 -3.49 12.47
C ILE D 102 3.19 -3.31 11.96
N GLY D 103 2.98 -3.45 10.65
CA GLY D 103 1.71 -3.09 10.01
C GLY D 103 1.76 -1.61 9.67
N GLY D 104 0.64 -0.89 9.82
CA GLY D 104 0.61 0.55 9.60
C GLY D 104 0.99 1.05 8.21
N GLY D 105 0.81 0.20 7.19
CA GLY D 105 1.02 0.56 5.78
C GLY D 105 0.34 1.84 5.29
N ASP D 106 -0.72 2.28 5.99
CA ASP D 106 -1.40 3.52 5.62
C ASP D 106 -0.60 4.73 6.01
N GLY D 107 0.33 4.62 7.00
CA GLY D 107 1.19 5.80 7.33
C GLY D 107 0.70 6.57 8.56
N GLY D 108 -0.49 6.25 9.05
CA GLY D 108 -1.13 7.08 10.10
C GLY D 108 -0.44 7.07 11.44
N VAL D 109 -0.16 5.89 11.98
CA VAL D 109 0.65 5.88 13.20
C VAL D 109 2.03 6.55 13.05
N LEU D 110 2.64 6.28 11.92
CA LEU D 110 3.99 6.83 11.65
C LEU D 110 3.91 8.37 11.65
N ARG D 111 2.84 8.91 11.08
CA ARG D 111 2.62 10.40 11.01
C ARG D 111 2.62 10.90 12.46
N GLU D 112 1.95 10.14 13.36
CA GLU D 112 1.83 10.60 14.76
C GLU D 112 3.19 10.53 15.51
N VAL D 113 3.90 9.42 15.33
CA VAL D 113 5.20 9.05 15.92
C VAL D 113 6.18 10.13 15.48
N LEU D 114 6.10 10.51 14.20
CA LEU D 114 7.01 11.56 13.63
C LEU D 114 6.79 12.98 14.16
N ARG D 115 5.65 13.27 14.78
CA ARG D 115 5.53 14.53 15.49
C ARG D 115 6.57 14.73 16.61
N HIS D 116 7.02 13.65 17.25
CA HIS D 116 7.84 13.77 18.43
C HIS D 116 9.28 14.13 18.03
N GLY D 117 9.80 15.19 18.61
CA GLY D 117 11.20 15.57 18.23
C GLY D 117 12.24 14.63 18.79
N THR D 118 11.95 13.82 19.81
CA THR D 118 12.99 12.88 20.25
C THR D 118 13.21 11.72 19.30
N VAL D 119 12.28 11.49 18.34
CA VAL D 119 12.41 10.30 17.47
C VAL D 119 13.52 10.58 16.51
N GLU D 120 14.54 9.73 16.54
CA GLU D 120 15.64 9.85 15.57
C GLU D 120 15.32 9.08 14.30
N HIS D 121 14.71 7.90 14.46
CA HIS D 121 14.38 7.05 13.33
C HIS D 121 13.20 6.09 13.65
N CYS D 122 12.38 5.84 12.66
CA CYS D 122 11.31 4.90 12.82
C CYS D 122 11.32 3.91 11.64
N ASP D 123 11.38 2.62 11.95
CA ASP D 123 11.25 1.60 10.95
C ASP D 123 9.74 1.24 10.84
N LEU D 124 9.22 1.10 9.61
CA LEU D 124 7.87 0.52 9.47
C LEU D 124 8.01 -0.68 8.50
N VAL D 125 7.35 -1.77 8.88
CA VAL D 125 7.27 -3.01 8.11
C VAL D 125 5.77 -3.50 7.96
N ASP D 126 5.26 -3.46 6.74
CA ASP D 126 3.92 -3.89 6.43
C ASP D 126 4.10 -4.92 5.26
N ILE D 127 3.38 -6.00 5.35
CA ILE D 127 3.47 -7.14 4.43
C ILE D 127 2.93 -6.82 3.02
N ASP D 128 2.09 -5.77 2.93
CA ASP D 128 1.27 -5.53 1.71
C ASP D 128 1.58 -4.17 1.09
N GLY D 129 2.46 -4.22 0.08
CA GLY D 129 2.96 -3.01 -0.60
C GLY D 129 1.87 -2.24 -1.33
N GLU D 130 0.81 -2.97 -1.70
CA GLU D 130 -0.35 -2.42 -2.42
C GLU D 130 -1.18 -1.49 -1.50
N VAL D 131 -1.37 -1.92 -0.24
CA VAL D 131 -1.97 -1.03 0.78
C VAL D 131 -1.22 0.24 0.86
N MET D 132 0.12 0.16 0.84
CA MET D 132 0.87 1.38 1.01
C MET D 132 0.75 2.24 -0.25
N GLU D 133 0.76 1.60 -1.41
CA GLU D 133 0.67 2.34 -2.67
C GLU D 133 -0.72 3.01 -2.76
N GLN D 134 -1.79 2.29 -2.43
CA GLN D 134 -3.14 2.87 -2.52
C GLN D 134 -3.40 3.92 -1.44
N SER D 135 -2.68 3.81 -0.29
CA SER D 135 -2.72 4.90 0.69
C SER D 135 -2.07 6.20 0.18
N LYS D 136 -1.03 6.06 -0.64
CA LYS D 136 -0.40 7.28 -1.21
C LYS D 136 -1.34 7.90 -2.21
N GLN D 137 -2.03 7.06 -2.95
CA GLN D 137 -3.00 7.55 -3.98
C GLN D 137 -4.22 8.20 -3.36
N HIS D 138 -4.86 7.55 -2.39
CA HIS D 138 -6.20 7.98 -1.95
C HIS D 138 -6.30 8.50 -0.56
N PHE D 139 -5.29 8.28 0.27
CA PHE D 139 -5.27 9.01 1.56
C PHE D 139 -3.98 9.79 1.81
N PRO D 140 -3.72 10.86 1.00
CA PRO D 140 -2.45 11.65 1.13
C PRO D 140 -2.19 12.29 2.47
N GLN D 141 -3.26 12.65 3.21
CA GLN D 141 -3.06 13.20 4.56
C GLN D 141 -2.63 12.16 5.64
N ILE D 142 -2.81 10.90 5.32
CA ILE D 142 -2.44 9.79 6.21
C ILE D 142 -1.03 9.28 5.76
N SER D 143 -0.80 9.20 4.44
CA SER D 143 0.33 8.46 3.89
C SER D 143 1.58 9.32 3.64
N ARG D 144 1.50 10.61 3.90
CA ARG D 144 2.61 11.54 3.55
C ARG D 144 3.85 11.25 4.39
N SER D 145 3.61 10.74 5.58
CA SER D 145 4.67 10.34 6.48
C SER D 145 5.64 9.32 5.88
N LEU D 146 5.14 8.50 4.94
CA LEU D 146 5.93 7.36 4.40
C LEU D 146 7.22 7.80 3.71
N ALA D 147 7.21 9.03 3.17
CA ALA D 147 8.37 9.62 2.51
C ALA D 147 9.25 10.40 3.47
N ASP D 148 9.00 10.39 4.79
CA ASP D 148 9.85 11.21 5.72
C ASP D 148 11.29 10.65 5.83
N PRO D 149 12.32 11.53 5.84
CA PRO D 149 13.73 11.12 5.91
C PRO D 149 14.03 10.34 7.20
N ARG D 150 13.26 10.61 8.24
CA ARG D 150 13.42 9.87 9.51
C ARG D 150 12.81 8.46 9.47
N ALA D 151 12.07 8.11 8.43
CA ALA D 151 11.44 6.76 8.39
C ALA D 151 12.11 5.86 7.38
N THR D 152 12.19 4.58 7.70
CA THR D 152 12.52 3.57 6.70
C THR D 152 11.36 2.60 6.51
N VAL D 153 10.79 2.61 5.31
CA VAL D 153 9.63 1.74 5.04
C VAL D 153 10.03 0.51 4.29
N ARG D 154 9.67 -0.65 4.85
CA ARG D 154 9.93 -1.95 4.23
C ARG D 154 8.64 -2.66 3.90
N VAL D 155 8.63 -3.31 2.75
CA VAL D 155 7.54 -4.26 2.51
C VAL D 155 8.05 -5.62 2.94
N GLY D 156 7.32 -6.32 3.80
CA GLY D 156 7.88 -7.51 4.45
C GLY D 156 7.05 -8.03 5.59
N ASP D 157 7.25 -9.29 5.97
CA ASP D 157 6.46 -9.87 7.04
C ASP D 157 7.18 -9.40 8.34
N GLY D 158 6.44 -8.82 9.26
CA GLY D 158 7.06 -8.39 10.57
C GLY D 158 7.48 -9.58 11.46
N LEU D 159 6.80 -10.70 11.32
CA LEU D 159 7.25 -11.92 12.01
C LEU D 159 8.74 -12.19 11.72
N ALA D 160 9.07 -12.16 10.44
CA ALA D 160 10.39 -12.33 9.93
C ALA D 160 11.33 -11.19 10.27
N PHE D 161 10.83 -9.96 10.18
CA PHE D 161 11.67 -8.83 10.53
C PHE D 161 12.13 -8.87 11.99
N VAL D 162 11.22 -9.09 12.93
CA VAL D 162 11.63 -9.04 14.35
C VAL D 162 12.51 -10.27 14.69
N ARG D 163 12.24 -11.43 14.08
CA ARG D 163 13.14 -12.61 14.23
C ARG D 163 14.61 -12.29 13.87
N GLN D 164 14.82 -11.46 12.88
CA GLN D 164 16.19 -11.13 12.48
C GLN D 164 16.77 -9.82 13.03
N THR D 165 16.06 -9.17 13.95
CA THR D 165 16.51 -7.88 14.55
C THR D 165 17.35 -8.19 15.80
N PRO D 166 18.50 -7.52 15.98
CA PRO D 166 19.28 -7.77 17.23
C PRO D 166 18.50 -7.45 18.51
N ASP D 167 18.89 -8.12 19.61
CA ASP D 167 18.51 -7.69 20.96
C ASP D 167 18.65 -6.18 21.10
N ASN D 168 17.69 -5.58 21.81
CA ASN D 168 17.84 -4.24 22.36
C ASN D 168 18.00 -3.22 21.24
N THR D 169 17.15 -3.28 20.22
CA THR D 169 17.24 -2.30 19.12
C THR D 169 16.30 -1.12 19.29
N TYR D 170 15.06 -1.39 19.77
CA TYR D 170 14.00 -0.37 19.81
C TYR D 170 13.59 0.15 21.19
N ASP D 171 13.28 1.46 21.26
CA ASP D 171 12.68 2.05 22.41
C ASP D 171 11.19 1.73 22.46
N VAL D 172 10.53 1.64 21.29
CA VAL D 172 9.05 1.48 21.31
C VAL D 172 8.76 0.59 20.11
N VAL D 173 7.87 -0.37 20.32
CA VAL D 173 7.35 -1.17 19.21
C VAL D 173 5.84 -1.01 19.21
N ILE D 174 5.28 -0.64 18.05
CA ILE D 174 3.81 -0.47 17.87
C ILE D 174 3.31 -1.48 16.86
N ILE D 175 2.34 -2.32 17.30
CA ILE D 175 1.83 -3.38 16.43
C ILE D 175 0.42 -2.97 15.96
N ASP D 176 0.35 -2.53 14.71
CA ASP D 176 -0.86 -2.02 14.06
C ASP D 176 -1.20 -2.96 12.90
N THR D 177 -1.63 -4.20 13.22
CA THR D 177 -1.84 -5.22 12.18
C THR D 177 -3.29 -5.55 11.86
N GLY D 189 4.40 -16.71 17.14
CA GLY D 189 3.19 -16.33 17.93
C GLY D 189 3.53 -16.08 19.39
N GLU D 190 3.76 -17.14 20.17
CA GLU D 190 4.51 -16.99 21.43
C GLU D 190 5.98 -16.65 21.09
N ALA D 191 6.47 -17.21 20.00
CA ALA D 191 7.76 -16.83 19.41
C ALA D 191 7.81 -15.31 19.04
N PHE D 192 6.70 -14.78 18.47
CA PHE D 192 6.63 -13.36 18.03
C PHE D 192 6.76 -12.40 19.25
N TYR D 193 5.96 -12.60 20.29
CA TYR D 193 6.06 -11.71 21.44
C TYR D 193 7.37 -11.81 22.19
N LYS D 194 7.94 -13.00 22.19
CA LYS D 194 9.27 -13.20 22.78
C LYS D 194 10.31 -12.38 22.02
N ASP D 195 10.19 -12.35 20.69
CA ASP D 195 11.07 -11.49 19.86
C ASP D 195 10.86 -9.99 20.11
N VAL D 196 9.61 -9.59 20.28
CA VAL D 196 9.25 -8.20 20.53
C VAL D 196 9.90 -7.81 21.83
N LEU D 197 9.74 -8.65 22.86
CA LEU D 197 10.36 -8.34 24.17
C LEU D 197 11.89 -8.27 24.05
N ARG D 198 12.48 -9.25 23.38
CA ARG D 198 13.96 -9.28 23.18
C ARG D 198 14.50 -8.08 22.40
N ILE D 199 13.82 -7.67 21.33
CA ILE D 199 14.34 -6.48 20.51
C ILE D 199 14.11 -5.13 21.17
N LEU D 200 13.26 -5.08 22.20
CA LEU D 200 13.16 -3.83 22.97
C LEU D 200 14.37 -3.61 23.92
N LYS D 201 14.74 -2.34 24.12
CA LYS D 201 15.77 -1.91 25.11
C LYS D 201 15.15 -1.97 26.51
N PRO D 202 15.98 -1.79 27.57
CA PRO D 202 15.44 -2.29 28.85
C PRO D 202 14.20 -1.55 29.35
N ASP D 203 14.08 -0.25 29.05
CA ASP D 203 12.87 0.56 29.35
C ASP D 203 11.89 0.69 28.14
N GLY D 204 11.88 -0.34 27.30
CA GLY D 204 11.10 -0.31 26.01
C GLY D 204 9.61 -0.39 26.35
N ILE D 205 8.75 0.00 25.40
CA ILE D 205 7.31 0.03 25.66
C ILE D 205 6.84 -0.66 24.41
N CYS D 206 5.81 -1.52 24.53
CA CYS D 206 5.18 -2.12 23.34
C CYS D 206 3.74 -1.77 23.37
N CYS D 207 3.21 -1.37 22.21
CA CYS D 207 1.79 -1.31 22.18
C CYS D 207 1.14 -2.03 21.05
N ASN D 208 0.08 -2.79 21.35
CA ASN D 208 -0.54 -3.60 20.27
C ASN D 208 -2.01 -3.30 19.98
N GLN D 209 -2.56 -3.76 18.86
CA GLN D 209 -3.96 -3.45 18.49
C GLN D 209 -4.69 -4.27 19.50
N GLY D 210 -5.68 -3.73 20.19
CA GLY D 210 -6.35 -4.49 21.24
C GLY D 210 -7.75 -4.76 20.73
N GLU D 211 -8.39 -5.79 21.23
CA GLU D 211 -9.74 -6.04 20.77
C GLU D 211 -10.75 -5.08 21.44
N SER D 212 -11.99 -5.39 21.19
CA SER D 212 -13.10 -4.71 21.78
C SER D 212 -13.41 -5.39 23.14
N ILE D 213 -13.75 -4.59 24.16
CA ILE D 213 -14.20 -5.14 25.42
C ILE D 213 -15.63 -5.65 25.27
N TRP D 214 -16.32 -5.25 24.21
CA TRP D 214 -17.68 -5.80 23.98
C TRP D 214 -17.60 -7.15 23.23
N LEU D 215 -16.72 -7.25 22.25
CA LEU D 215 -16.77 -8.44 21.37
C LEU D 215 -15.76 -9.53 21.69
N ASP D 216 -14.66 -9.19 22.35
CA ASP D 216 -13.53 -10.09 22.44
C ASP D 216 -12.95 -9.97 23.81
N LEU D 217 -13.79 -9.83 24.84
CA LEU D 217 -13.23 -9.61 26.21
C LEU D 217 -12.29 -10.74 26.63
N GLU D 218 -12.69 -11.97 26.32
CA GLU D 218 -11.89 -13.12 26.75
C GLU D 218 -10.50 -13.09 26.05
N LEU D 219 -10.48 -12.67 24.77
CA LEU D 219 -9.19 -12.55 24.09
C LEU D 219 -8.30 -11.49 24.77
N ILE D 220 -8.89 -10.39 25.29
CA ILE D 220 -8.03 -9.35 25.89
C ILE D 220 -7.48 -9.87 27.24
N GLU D 221 -8.30 -10.53 28.06
CA GLU D 221 -7.71 -11.10 29.29
C GLU D 221 -6.58 -12.08 28.98
N LYS D 222 -6.75 -12.97 28.01
CA LYS D 222 -5.69 -14.00 27.67
C LYS D 222 -4.39 -13.32 27.23
N MET D 223 -4.51 -12.39 26.26
CA MET D 223 -3.34 -11.69 25.72
C MET D 223 -2.58 -10.97 26.79
N SER D 224 -3.35 -10.34 27.68
CA SER D 224 -2.74 -9.56 28.77
C SER D 224 -1.97 -10.44 29.79
N ARG D 225 -2.49 -11.62 30.14
CA ARG D 225 -1.71 -12.55 30.99
C ARG D 225 -0.47 -13.05 30.20
N PHE D 226 -0.69 -13.42 28.95
CA PHE D 226 0.35 -14.00 28.09
C PHE D 226 1.53 -13.01 27.95
N ILE D 227 1.23 -11.74 27.75
CA ILE D 227 2.27 -10.75 27.53
C ILE D 227 3.08 -10.52 28.81
N ARG D 228 2.39 -10.47 29.96
CA ARG D 228 3.08 -10.53 31.28
C ARG D 228 3.92 -11.81 31.46
N GLU D 229 3.33 -12.94 31.10
CA GLU D 229 4.05 -14.21 31.14
C GLU D 229 5.36 -14.20 30.31
N THR D 230 5.25 -13.75 29.05
CA THR D 230 6.39 -13.52 28.12
C THR D 230 7.53 -12.77 28.82
N GLY D 231 7.17 -11.86 29.76
CA GLY D 231 8.18 -11.16 30.55
C GLY D 231 8.09 -9.65 30.59
N PHE D 232 7.01 -9.08 30.09
CA PHE D 232 6.82 -7.63 30.27
C PHE D 232 6.46 -7.42 31.74
N ALA D 233 6.99 -6.34 32.32
CA ALA D 233 6.68 -6.02 33.72
C ALA D 233 5.22 -5.65 33.98
N SER D 234 4.51 -5.11 33.01
CA SER D 234 3.18 -4.55 33.26
C SER D 234 2.44 -4.29 31.92
N VAL D 235 1.11 -4.41 31.93
CA VAL D 235 0.35 -4.33 30.72
C VAL D 235 -0.93 -3.67 31.23
N GLN D 236 -1.37 -2.63 30.53
CA GLN D 236 -2.61 -1.87 30.86
C GLN D 236 -3.32 -1.64 29.53
N TYR D 237 -4.63 -1.87 29.49
CA TYR D 237 -5.43 -1.61 28.31
C TYR D 237 -6.06 -0.17 28.27
N ALA D 238 -5.80 0.57 27.16
CA ALA D 238 -6.32 1.96 26.91
C ALA D 238 -7.52 1.84 26.00
N LEU D 239 -8.71 2.29 26.43
CA LEU D 239 -9.95 2.24 25.63
C LEU D 239 -10.11 3.54 24.82
N MET D 240 -10.60 3.47 23.59
CA MET D 240 -10.75 4.67 22.76
C MET D 240 -12.03 4.51 21.99
N HIS D 241 -12.62 5.66 21.69
CA HIS D 241 -13.87 5.83 20.97
C HIS D 241 -13.54 5.89 19.47
N VAL D 242 -13.64 4.75 18.79
CA VAL D 242 -13.51 4.69 17.34
C VAL D 242 -14.88 4.37 16.72
N PRO D 243 -15.56 5.40 16.10
CA PRO D 243 -16.95 5.24 15.70
C PRO D 243 -17.16 4.21 14.63
N THR D 244 -16.10 3.79 13.92
CA THR D 244 -16.31 2.89 12.74
C THR D 244 -15.88 1.50 13.03
N TYR D 245 -15.36 1.26 14.22
CA TYR D 245 -15.06 -0.13 14.62
C TYR D 245 -16.32 -0.76 15.26
N PRO D 246 -16.47 -2.12 15.16
CA PRO D 246 -17.68 -2.77 15.69
C PRO D 246 -17.95 -2.41 17.14
N CYS D 247 -19.19 -2.00 17.42
CA CYS D 247 -19.58 -1.57 18.75
C CYS D 247 -18.92 -0.26 19.21
N GLY D 248 -18.20 0.41 18.32
CA GLY D 248 -17.82 1.81 18.56
C GLY D 248 -16.62 2.05 19.47
N SER D 249 -15.98 0.96 19.89
CA SER D 249 -14.64 1.09 20.60
C SER D 249 -13.62 0.03 20.27
N ILE D 250 -12.40 0.31 20.70
CA ILE D 250 -11.34 -0.58 20.51
C ILE D 250 -10.34 -0.16 21.58
N GLY D 251 -9.29 -0.95 21.78
CA GLY D 251 -8.32 -0.59 22.83
C GLY D 251 -6.92 -1.00 22.42
N THR D 252 -5.95 -0.57 23.19
CA THR D 252 -4.63 -1.05 23.00
C THR D 252 -3.96 -1.45 24.32
N LEU D 253 -3.20 -2.56 24.28
CA LEU D 253 -2.46 -2.98 25.47
C LEU D 253 -1.14 -2.29 25.40
N VAL D 254 -0.87 -1.50 26.42
CA VAL D 254 0.35 -0.76 26.52
C VAL D 254 1.20 -1.49 27.57
N CYS D 255 2.38 -1.98 27.12
CA CYS D 255 3.17 -2.95 27.84
C CYS D 255 4.53 -2.40 28.09
N SER D 256 4.94 -2.51 29.32
CA SER D 256 6.27 -2.02 29.75
C SER D 256 7.24 -3.13 30.06
N LYS D 257 8.43 -3.07 29.46
CA LYS D 257 9.49 -4.00 29.76
C LYS D 257 10.01 -3.77 31.20
N LYS D 258 10.11 -2.53 31.68
CA LYS D 258 10.80 -2.25 32.91
C LYS D 258 9.78 -2.20 34.03
N ALA D 259 10.13 -2.72 35.22
CA ALA D 259 9.22 -2.78 36.36
C ALA D 259 9.12 -1.41 37.03
N GLY D 260 7.99 -1.14 37.67
CA GLY D 260 7.79 0.17 38.34
C GLY D 260 7.38 1.34 37.45
N VAL D 261 6.97 1.02 36.23
CA VAL D 261 6.52 2.02 35.25
C VAL D 261 4.97 2.08 35.33
N ASP D 262 4.44 3.27 35.52
CA ASP D 262 2.99 3.53 35.45
C ASP D 262 2.59 4.18 34.16
N VAL D 263 2.15 3.39 33.19
CA VAL D 263 1.88 3.99 31.86
C VAL D 263 0.54 4.74 31.84
N THR D 264 -0.26 4.65 32.92
CA THR D 264 -1.60 5.26 32.90
C THR D 264 -1.55 6.75 33.17
N LYS D 265 -0.42 7.27 33.66
CA LYS D 265 -0.24 8.70 33.79
C LYS D 265 0.91 9.10 32.85
N PRO D 266 0.73 10.13 31.98
CA PRO D 266 1.76 10.44 30.97
C PRO D 266 3.11 10.81 31.57
N LEU D 267 4.14 10.19 31.07
CA LEU D 267 5.48 10.44 31.56
C LEU D 267 6.03 11.72 30.94
N ARG D 268 5.77 11.93 29.65
CA ARG D 268 6.13 13.17 28.97
C ARG D 268 4.84 13.80 28.38
N PRO D 269 4.17 14.69 29.16
CA PRO D 269 2.87 15.18 28.74
C PRO D 269 2.99 15.84 27.35
N VAL D 270 2.02 15.59 26.49
CA VAL D 270 2.04 16.13 25.14
C VAL D 270 1.86 17.68 25.18
N GLU D 271 1.23 18.17 26.23
CA GLU D 271 0.92 19.60 26.34
C GLU D 271 2.20 20.41 26.43
N ASP D 272 3.29 19.73 26.79
CA ASP D 272 4.63 20.39 26.79
C ASP D 272 5.33 20.29 25.46
N MET D 273 4.68 19.75 24.41
CA MET D 273 5.36 19.57 23.15
C MET D 273 4.74 20.53 22.18
N PRO D 274 5.49 20.96 21.15
CA PRO D 274 4.90 22.02 20.29
C PRO D 274 3.69 21.64 19.43
N PHE D 275 3.41 20.36 19.21
CA PHE D 275 2.29 19.96 18.31
C PHE D 275 0.99 19.64 19.04
N ALA D 276 0.95 19.79 20.36
CA ALA D 276 -0.24 19.41 21.17
C ALA D 276 -1.61 19.89 20.60
N LYS D 277 -1.67 21.14 20.10
CA LYS D 277 -2.87 21.76 19.57
C LYS D 277 -3.32 21.26 18.25
N ASP D 278 -2.41 20.69 17.45
CA ASP D 278 -2.72 20.03 16.21
C ASP D 278 -3.47 18.68 16.40
N LEU D 279 -3.43 18.08 17.59
CA LEU D 279 -4.18 16.80 17.74
C LEU D 279 -5.72 16.99 17.85
N LYS D 280 -6.47 16.07 17.25
CA LYS D 280 -7.91 16.11 17.21
C LYS D 280 -8.59 15.17 18.28
N TYR D 281 -7.86 14.26 18.87
CA TYR D 281 -8.47 13.35 19.87
C TYR D 281 -7.69 13.41 21.17
N TYR D 282 -6.38 13.09 21.08
CA TYR D 282 -5.55 12.76 22.23
C TYR D 282 -5.08 14.02 23.01
N ASP D 283 -5.10 13.93 24.34
CA ASP D 283 -4.39 14.88 25.23
C ASP D 283 -4.11 14.14 26.56
N SER D 284 -3.52 14.79 27.57
CA SER D 284 -3.21 14.09 28.81
C SER D 284 -4.45 13.64 29.59
N GLU D 285 -5.48 14.47 29.59
CA GLU D 285 -6.78 14.09 30.18
C GLU D 285 -7.39 12.81 29.49
N MET D 286 -7.41 12.76 28.16
CA MET D 286 -7.86 11.49 27.46
C MET D 286 -6.93 10.35 27.72
N HIS D 287 -5.62 10.61 27.71
CA HIS D 287 -4.66 9.57 28.14
C HIS D 287 -5.10 8.89 29.48
N LYS D 288 -5.21 9.71 30.56
CA LYS D 288 -5.46 9.12 31.87
C LYS D 288 -6.86 8.50 31.84
N ALA D 289 -7.81 9.16 31.16
CA ALA D 289 -9.21 8.58 31.09
C ALA D 289 -9.31 7.25 30.32
N SER D 290 -8.40 7.02 29.35
CA SER D 290 -8.48 5.86 28.49
C SER D 290 -8.29 4.56 29.29
N PHE D 291 -7.62 4.61 30.42
CA PHE D 291 -7.35 3.38 31.18
C PHE D 291 -8.45 3.14 32.25
N ALA D 292 -9.45 4.00 32.34
CA ALA D 292 -10.54 3.75 33.31
C ALA D 292 -11.54 2.90 32.53
N LEU D 293 -11.82 1.68 32.99
CA LEU D 293 -12.60 0.76 32.21
C LEU D 293 -13.99 0.52 32.85
N PRO D 294 -15.04 0.18 32.07
CA PRO D 294 -16.27 -0.10 32.77
C PRO D 294 -16.04 -1.29 33.77
N ARG D 295 -16.84 -1.35 34.83
CA ARG D 295 -16.62 -2.34 35.89
C ARG D 295 -16.57 -3.80 35.41
N PHE D 296 -17.41 -4.17 34.44
CA PHE D 296 -17.42 -5.59 33.95
C PHE D 296 -16.06 -5.91 33.31
N ALA D 297 -15.32 -4.88 32.86
CA ALA D 297 -13.98 -5.15 32.18
C ALA D 297 -12.79 -4.74 33.03
N ARG D 298 -13.00 -4.15 34.21
CA ARG D 298 -11.91 -3.45 34.88
C ARG D 298 -10.83 -4.43 35.44
N HIS D 299 -11.19 -5.73 35.52
CA HIS D 299 -10.22 -6.71 36.03
C HIS D 299 -9.02 -6.81 35.06
N ILE D 300 -9.23 -6.42 33.80
CA ILE D 300 -8.10 -6.37 32.84
C ILE D 300 -6.95 -5.53 33.39
N ASN D 301 -7.25 -4.36 34.02
CA ASN D 301 -6.23 -3.43 34.48
C ASN D 301 -5.95 -3.44 35.98
N ASN D 302 -6.87 -4.02 36.76
CA ASN D 302 -6.98 -3.77 38.22
C ASN D 302 -6.84 -2.33 38.74
CA S4M E . 32.26 -0.37 -16.34
N S4M E . 32.62 0.47 -15.16
CB S4M E . 32.74 -1.75 -15.92
CG S4M E . 34.19 -2.12 -16.12
SD S4M E . 35.51 -1.72 -14.89
CE S4M E . 36.58 -1.02 -16.22
C5' S4M E . 36.28 -3.38 -14.61
C4' S4M E . 37.53 -3.21 -13.66
O4' S4M E . 37.77 -4.33 -12.80
C1' S4M E . 39.17 -4.24 -12.48
C2' S4M E . 39.79 -4.08 -13.85
O2' S4M E . 41.12 -3.60 -13.85
C3' S4M E . 38.82 -3.10 -14.47
O3' S4M E . 39.15 -1.70 -14.41
N9 S4M E . 39.55 -5.47 -11.85
C8 S4M E . 39.70 -6.67 -12.49
N7 S4M E . 40.06 -7.61 -11.65
C5 S4M E . 40.13 -7.00 -10.41
C6 S4M E . 40.49 -7.51 -9.14
N6 S4M E . 40.84 -8.88 -8.95
C4 S4M E . 39.83 -5.66 -10.52
N3 S4M E . 39.85 -4.80 -9.52
C2 S4M E . 40.14 -5.38 -8.36
N1 S4M E . 40.46 -6.67 -8.10
CA S4M F . 8.56 -9.52 -37.15
N S4M F . 7.55 -10.62 -37.30
CB S4M F . 9.32 -9.41 -38.44
CG S4M F . 8.75 -8.33 -39.32
SD S4M F . 7.59 -9.07 -40.56
CE S4M F . 8.67 -10.18 -41.52
C5' S4M F . 7.46 -7.47 -41.48
C4' S4M F . 6.54 -7.62 -42.68
O4' S4M F . 5.87 -6.38 -42.96
C1' S4M F . 5.53 -6.42 -44.34
C2' S4M F . 6.76 -7.02 -45.02
O2' S4M F . 6.39 -7.71 -46.22
C3' S4M F . 7.31 -7.95 -43.94
O3' S4M F . 6.95 -9.30 -44.16
N9 S4M F . 5.09 -5.13 -44.90
C8 S4M F . 5.84 -4.02 -45.21
N7 S4M F . 5.09 -3.07 -45.76
C5 S4M F . 3.80 -3.59 -45.81
C6 S4M F . 2.58 -3.12 -46.27
N6 S4M F . 2.43 -1.87 -46.85
C4 S4M F . 3.80 -4.87 -45.28
N3 S4M F . 2.76 -5.67 -45.17
C2 S4M F . 1.62 -5.09 -45.63
N1 S4M F . 1.46 -3.87 -46.18
C11 4JV G . 25.86 -11.66 -34.32
C18 4JV G . 28.91 -11.66 -29.25
C19 4JV G . 28.12 -9.51 -29.94
C16 4JV G . 27.64 -12.17 -29.47
C17 4JV G . 26.85 -10.05 -30.17
C5 4JV G . 24.98 -10.92 -35.09
C8 4JV G . 25.73 -11.77 -32.95
C1 4JV G . 23.79 -10.33 -33.12
C20 4JV G . 29.15 -10.33 -29.49
C15 4JV G . 26.62 -11.38 -29.92
C2 4JV G . 23.92 -10.23 -34.51
C3 4JV G . 24.68 -11.09 -32.35
C4 4JV G . 22.73 -9.63 -32.59
C12 4JV G . 22.07 -8.90 -34.66
C21 4JV G . 30.52 -9.76 -29.22
C13 4JV G . 25.30 -12.00 -30.17
N6 4JV G . 23.09 -9.52 -35.28
N9 4JV G . 21.88 -8.95 -33.35
N10 4JV G . 22.52 -9.65 -31.20
N14 4JV G . 21.12 -8.14 -35.36
O7 4JV G . 24.51 -11.14 -30.97
CA S4M H . -33.70 4.79 27.68
N S4M H . -34.35 4.17 28.88
CB S4M H . -34.75 4.96 26.61
CG S4M H . -35.44 6.30 26.53
SD S4M H . -37.19 6.14 27.10
CE S4M H . -37.71 4.62 26.22
C5' S4M H . -37.90 7.50 26.15
C4' S4M H . -39.20 7.77 26.93
O4' S4M H . -39.52 9.15 27.08
C1' S4M H . -40.97 9.29 27.02
C2' S4M H . -41.40 8.23 25.99
O2' S4M H . -42.76 7.75 26.19
C3' S4M H . -40.37 7.14 26.20
O3' S4M H . -40.81 6.08 27.07
N9 S4M H . -41.41 10.66 26.74
C8 S4M H . -41.27 11.37 25.56
N7 S4M H . -41.78 12.57 25.67
C5 S4M H . -42.27 12.68 26.96
C6 S4M H . -42.94 13.70 27.64
N6 S4M H . -43.25 14.98 27.08
C4 S4M H . -42.04 11.51 27.65
N3 S4M H . -42.39 11.25 28.91
C2 S4M H . -43.00 12.30 29.46
N1 S4M H . -43.28 13.47 28.91
CA S4M I . -5.31 1.26 10.93
N S4M I . -4.12 1.99 10.41
CB S4M I . -5.67 0.09 10.06
CG S4M I . -4.83 -1.16 10.30
SD S4M I . -3.38 -1.23 9.17
CE S4M I . -4.19 -0.91 7.56
C5' S4M I . -3.31 -3.09 9.17
C4' S4M I . -2.05 -3.54 8.41
O4' S4M I . -1.38 -4.68 9.01
C1' S4M I . -0.73 -5.28 7.89
C2' S4M I . -1.81 -5.30 6.80
O2' S4M I . -1.29 -5.55 5.50
C3' S4M I . -2.41 -3.92 6.98
O3' S4M I . -1.91 -2.90 6.11
N9 S4M I . -0.22 -6.58 8.28
C8 S4M I . -0.97 -7.69 8.54
N7 S4M I . -0.23 -8.72 8.88
C5 S4M I . 1.06 -8.25 8.83
C6 S4M I . 2.28 -8.90 9.08
N6 S4M I . 2.28 -10.27 9.44
C4 S4M I . 1.10 -6.92 8.47
N3 S4M I . 2.21 -6.15 8.35
C2 S4M I . 3.32 -6.86 8.62
N1 S4M I . 3.41 -8.17 8.97
C11 4JV J . -22.39 3.33 8.30
C18 4JV J . -26.03 4.12 12.08
C19 4JV J . -26.53 6.28 11.20
C16 4JV J . -24.67 4.41 11.97
C17 4JV J . -25.19 6.57 11.08
C5 4JV J . -21.42 2.35 8.35
C8 4JV J . -22.55 4.19 9.38
C1 4JV J . -20.76 3.08 10.53
C20 4JV J . -26.97 5.06 11.69
C15 4JV J . -24.24 5.64 11.48
C2 4JV J . -20.59 2.20 9.46
C3 4JV J . -21.73 4.07 10.49
C4 4JV J . -19.90 2.88 11.61
C12 4JV J . -18.88 1.13 10.56
C21 4JV J . -28.42 4.77 11.81
C13 4JV J . -22.81 6.00 11.33
N6 4JV J . -19.66 1.24 9.47
N9 4JV J . -18.99 1.91 11.63
N10 4JV J . -19.93 3.66 12.79
N14 4JV J . -17.87 0.15 10.64
O7 4JV J . -21.90 4.94 11.60
#